data_7XPV
#
_entry.id   7XPV
#
_cell.length_a   98.135
_cell.length_b   162.670
_cell.length_c   114.927
_cell.angle_alpha   90.000
_cell.angle_beta   90.000
_cell.angle_gamma   90.000
#
_symmetry.space_group_name_H-M   'C 2 2 21'
#
loop_
_entity.id
_entity.type
_entity.pdbx_description
1 polymer Transglycosylse
2 non-polymer '[[(2~{R},3~{S},4~{R},5~{R})-5-(2-azanyl-6-oxidanyl-purin-9-yl)-3,4-bis(oxidanyl)oxolan-2-yl]methoxy-oxidanyl-phosphoryl] [(2~{S},3~{S},4~{S},5~{R})-3,4-bis(oxidanyl)-5-[(1~{S})-1-oxidanylethyl]oxolan-2-yl] hydrogen phosphate'
3 non-polymer 'MANGANESE (II) ION'
4 water water
#
_entity_poly.entity_id   1
_entity_poly.type   'polypeptide(L)'
_entity_poly.pdbx_seq_one_letter_code
;GSSHHHHHHSSGENLYFQHMSGRDISTAVVVTTISDGGFLDRLAPALRDAGARLIVIPDRNTGPALFAACERHRRLGLDV
VCPSVAEQQDLLERLAVPDLIPYHSDNRRNVGYLMAWMEGFDVIVSMDDDNLPTTDDFVERHQVVCQGPRTQPVTASSDG
WFNNCALLEVEPTEVFPRGFPFHARPAHAQARTSVCERPADVRINAGLWLGDPDVDAITRLAVRPNALAHSGGSVVLAEG
TWCPVNAQNTAVHRDALPAYYFLRMGQPVDGVPMERFGDIFSGYFVQVCAQHLGHAVRFGDPVVEHPRNEHDLLDDLHKE
VPAVRLLDDILDHLRDHPLEGGDYLETYESLSYALQEIAERVNGRAWSPDARAFLHRSAHLMRSWTGALRTVAGT
;
_entity_poly.pdbx_strand_id   A,B
#
# COMPACT_ATOMS: atom_id res chain seq x y z
N ARG A 23 -8.93 45.07 -11.98
CA ARG A 23 -7.87 44.07 -11.95
C ARG A 23 -7.55 43.57 -13.35
N ASP A 24 -8.58 43.05 -14.04
CA ASP A 24 -8.46 42.52 -15.39
C ASP A 24 -7.42 41.40 -15.46
N ILE A 25 -7.79 40.27 -14.86
CA ILE A 25 -6.91 39.12 -14.73
C ILE A 25 -7.30 38.09 -15.79
N SER A 26 -6.29 37.57 -16.49
CA SER A 26 -6.50 36.53 -17.50
C SER A 26 -6.19 35.16 -16.90
N THR A 27 -6.96 34.16 -17.31
CA THR A 27 -6.84 32.81 -16.75
C THR A 27 -6.92 31.79 -17.88
N ALA A 28 -6.01 30.83 -17.88
CA ALA A 28 -6.00 29.73 -18.84
C ALA A 28 -6.02 28.41 -18.10
N VAL A 29 -6.96 27.53 -18.44
CA VAL A 29 -7.08 26.22 -17.84
C VAL A 29 -6.39 25.20 -18.74
N VAL A 30 -5.52 24.38 -18.15
CA VAL A 30 -4.74 23.38 -18.88
C VAL A 30 -5.25 22.01 -18.46
N VAL A 31 -5.67 21.21 -19.45
CA VAL A 31 -6.16 19.86 -19.23
C VAL A 31 -5.64 18.98 -20.36
N THR A 32 -4.92 17.91 -20.01
CA THR A 32 -4.52 16.90 -20.99
C THR A 32 -5.40 15.67 -20.81
N THR A 33 -5.82 15.08 -21.93
CA THR A 33 -6.79 14.00 -21.88
C THR A 33 -6.66 13.12 -23.12
N ILE A 34 -7.14 11.88 -22.97
CA ILE A 34 -7.27 10.93 -24.06
C ILE A 34 -8.71 10.49 -24.27
N SER A 35 -9.66 11.18 -23.64
CA SER A 35 -11.06 10.80 -23.69
C SER A 35 -11.70 11.33 -24.98
N ASP A 36 -13.02 11.23 -25.07
CA ASP A 36 -13.76 11.69 -26.24
C ASP A 36 -14.21 13.13 -26.14
N GLY A 37 -14.04 13.77 -24.98
CA GLY A 37 -14.47 15.14 -24.79
C GLY A 37 -15.78 15.32 -24.06
N GLY A 38 -16.36 14.24 -23.53
CA GLY A 38 -17.61 14.36 -22.78
C GLY A 38 -17.49 15.18 -21.51
N PHE A 39 -16.28 15.32 -20.97
CA PHE A 39 -16.07 16.14 -19.79
C PHE A 39 -16.29 17.62 -20.07
N LEU A 40 -16.27 18.03 -21.34
CA LEU A 40 -16.51 19.42 -21.68
C LEU A 40 -17.94 19.85 -21.36
N ASP A 41 -18.89 18.90 -21.39
CA ASP A 41 -20.28 19.23 -21.12
C ASP A 41 -20.51 19.70 -19.70
N ARG A 42 -19.60 19.38 -18.78
CA ARG A 42 -19.71 19.81 -17.39
C ARG A 42 -18.58 20.75 -16.97
N LEU A 43 -17.56 20.94 -17.79
CA LEU A 43 -16.47 21.84 -17.49
C LEU A 43 -16.59 23.19 -18.20
N ALA A 44 -17.23 23.22 -19.36
CA ALA A 44 -17.35 24.46 -20.13
C ALA A 44 -18.16 25.56 -19.43
N PRO A 45 -19.31 25.30 -18.81
CA PRO A 45 -20.11 26.41 -18.27
C PRO A 45 -19.36 27.31 -17.31
N ALA A 46 -18.62 26.73 -16.35
CA ALA A 46 -17.88 27.54 -15.39
C ALA A 46 -16.71 28.27 -16.02
N LEU A 47 -16.25 27.83 -17.20
CA LEU A 47 -15.11 28.46 -17.86
C LEU A 47 -15.52 29.54 -18.85
N ARG A 48 -16.61 29.33 -19.59
CA ARG A 48 -17.03 30.34 -20.56
C ARG A 48 -17.73 31.52 -19.89
N ASP A 49 -18.35 31.31 -18.72
CA ASP A 49 -18.97 32.41 -18.02
C ASP A 49 -17.95 33.37 -17.42
N ALA A 50 -16.70 32.94 -17.26
CA ALA A 50 -15.64 33.78 -16.75
C ALA A 50 -14.68 34.25 -17.84
N GLY A 51 -14.85 33.78 -19.07
CA GLY A 51 -13.99 34.18 -20.17
C GLY A 51 -12.64 33.50 -20.19
N ALA A 52 -12.41 32.51 -19.33
CA ALA A 52 -11.13 31.83 -19.30
C ALA A 52 -10.95 30.95 -20.54
N ARG A 53 -9.69 30.65 -20.85
CA ARG A 53 -9.35 29.79 -21.97
C ARG A 53 -9.03 28.39 -21.47
N LEU A 54 -9.48 27.38 -22.21
CA LEU A 54 -9.22 25.98 -21.91
C LEU A 54 -8.26 25.43 -22.95
N ILE A 55 -7.05 25.08 -22.53
CA ILE A 55 -6.03 24.53 -23.42
C ILE A 55 -6.04 23.02 -23.23
N VAL A 56 -6.67 22.31 -24.16
CA VAL A 56 -6.73 20.85 -24.13
C VAL A 56 -5.52 20.31 -24.87
N ILE A 57 -4.80 19.39 -24.22
CA ILE A 57 -3.59 18.81 -24.80
C ILE A 57 -3.86 17.35 -25.15
N PRO A 58 -4.14 17.03 -26.41
CA PRO A 58 -4.33 15.63 -26.81
C PRO A 58 -2.99 14.93 -26.95
N ASP A 59 -3.06 13.62 -27.21
CA ASP A 59 -1.88 12.78 -27.37
C ASP A 59 -2.04 11.96 -28.66
N ARG A 60 -1.07 11.06 -28.90
CA ARG A 60 -1.13 10.23 -30.09
C ARG A 60 -2.26 9.21 -30.01
N ASN A 61 -2.54 8.70 -28.82
CA ASN A 61 -3.61 7.72 -28.61
C ASN A 61 -4.93 8.36 -28.24
N THR A 62 -5.14 9.63 -28.61
CA THR A 62 -6.40 10.31 -28.34
C THR A 62 -7.32 10.17 -29.55
N GLY A 63 -8.57 9.79 -29.29
CA GLY A 63 -9.55 9.61 -30.33
C GLY A 63 -9.93 10.90 -31.02
N PRO A 64 -10.35 10.81 -32.28
CA PRO A 64 -10.76 12.02 -33.02
C PRO A 64 -12.03 12.66 -32.49
N ALA A 65 -12.74 12.02 -31.55
CA ALA A 65 -13.95 12.62 -31.00
C ALA A 65 -13.65 13.80 -30.10
N LEU A 66 -12.42 13.93 -29.60
CA LEU A 66 -12.09 15.06 -28.74
C LEU A 66 -12.08 16.36 -29.52
N PHE A 67 -11.51 16.35 -30.74
CA PHE A 67 -11.49 17.55 -31.56
C PHE A 67 -12.90 17.98 -31.96
N ALA A 68 -13.78 17.00 -32.23
CA ALA A 68 -15.17 17.33 -32.54
C ALA A 68 -15.89 17.90 -31.32
N ALA A 69 -15.52 17.45 -30.12
CA ALA A 69 -16.13 17.99 -28.91
C ALA A 69 -15.60 19.37 -28.56
N CYS A 70 -14.32 19.64 -28.84
CA CYS A 70 -13.77 20.97 -28.60
C CYS A 70 -14.41 22.00 -29.52
N GLU A 71 -14.66 21.63 -30.77
CA GLU A 71 -15.30 22.56 -31.70
C GLU A 71 -16.80 22.67 -31.45
N ARG A 72 -17.41 21.63 -30.87
CA ARG A 72 -18.82 21.72 -30.52
C ARG A 72 -19.05 22.74 -29.41
N HIS A 73 -18.17 22.77 -28.41
CA HIS A 73 -18.24 23.78 -27.36
C HIS A 73 -17.63 25.11 -27.78
N ARG A 74 -16.84 25.13 -28.86
CA ARG A 74 -16.33 26.39 -29.38
C ARG A 74 -17.45 27.25 -29.95
N ARG A 75 -18.50 26.62 -30.49
CA ARG A 75 -19.64 27.36 -31.02
C ARG A 75 -20.48 27.97 -29.90
N LEU A 76 -20.44 27.41 -28.70
CA LEU A 76 -21.24 27.89 -27.57
C LEU A 76 -20.59 29.05 -26.84
N GLY A 77 -19.40 29.48 -27.26
CA GLY A 77 -18.73 30.63 -26.67
C GLY A 77 -17.49 30.31 -25.86
N LEU A 78 -17.22 29.03 -25.61
CA LEU A 78 -16.04 28.66 -24.81
C LEU A 78 -14.78 28.84 -25.64
N ASP A 79 -13.82 29.62 -25.12
CA ASP A 79 -12.52 29.79 -25.75
C ASP A 79 -11.67 28.57 -25.41
N VAL A 80 -11.76 27.55 -26.25
CA VAL A 80 -11.05 26.29 -26.05
C VAL A 80 -10.19 26.00 -27.27
N VAL A 81 -8.94 25.62 -27.03
CA VAL A 81 -8.01 25.25 -28.08
C VAL A 81 -7.55 23.83 -27.85
N CYS A 82 -7.28 23.12 -28.96
CA CYS A 82 -6.84 21.72 -28.91
C CYS A 82 -5.78 21.52 -29.97
N PRO A 83 -4.54 21.90 -29.70
CA PRO A 83 -3.48 21.75 -30.69
C PRO A 83 -3.12 20.29 -30.91
N SER A 84 -3.05 19.89 -32.18
CA SER A 84 -2.70 18.52 -32.51
C SER A 84 -1.26 18.22 -32.13
N VAL A 85 -0.93 16.93 -32.07
CA VAL A 85 0.41 16.50 -31.71
C VAL A 85 1.45 17.01 -32.68
N ALA A 86 1.05 17.30 -33.93
CA ALA A 86 1.98 17.91 -34.88
C ALA A 86 2.28 19.35 -34.51
N GLU A 87 1.26 20.09 -34.05
CA GLU A 87 1.49 21.47 -33.62
C GLU A 87 2.32 21.52 -32.36
N GLN A 88 2.11 20.56 -31.44
CA GLN A 88 2.88 20.54 -30.21
C GLN A 88 4.35 20.23 -30.48
N GLN A 89 4.62 19.27 -31.35
CA GLN A 89 6.01 18.90 -31.64
C GLN A 89 6.74 20.00 -32.40
N ASP A 90 6.04 20.74 -33.26
CA ASP A 90 6.67 21.86 -33.95
C ASP A 90 7.04 22.96 -32.97
N LEU A 91 6.22 23.18 -31.95
CA LEU A 91 6.55 24.17 -30.93
C LEU A 91 7.72 23.71 -30.08
N LEU A 92 7.73 22.44 -29.66
CA LEU A 92 8.82 21.94 -28.83
C LEU A 92 10.13 21.84 -29.60
N GLU A 93 10.06 21.60 -30.91
CA GLU A 93 11.29 21.52 -31.69
C GLU A 93 11.93 22.90 -31.89
N ARG A 94 11.10 23.94 -31.99
CA ARG A 94 11.65 25.29 -32.13
C ARG A 94 12.37 25.74 -30.86
N LEU A 95 11.99 25.20 -29.71
CA LEU A 95 12.61 25.55 -28.43
C LEU A 95 13.74 24.60 -28.06
N ALA A 96 14.23 23.80 -29.01
CA ALA A 96 15.33 22.87 -28.79
C ALA A 96 15.02 21.85 -27.70
N VAL A 97 13.76 21.48 -27.58
CA VAL A 97 13.35 20.45 -26.61
C VAL A 97 12.39 19.47 -27.26
N PRO A 98 12.81 18.71 -28.29
CA PRO A 98 11.89 17.77 -28.93
C PRO A 98 11.72 16.48 -28.16
N ASP A 99 12.67 16.10 -27.31
CA ASP A 99 12.62 14.85 -26.57
C ASP A 99 12.28 15.06 -25.09
N LEU A 100 11.91 16.29 -24.70
CA LEU A 100 11.64 16.56 -23.29
C LEU A 100 10.35 15.90 -22.83
N ILE A 101 9.27 16.07 -23.59
CA ILE A 101 7.94 15.62 -23.21
C ILE A 101 7.60 14.39 -24.03
N PRO A 102 7.41 13.22 -23.43
CA PRO A 102 7.10 12.01 -24.19
C PRO A 102 5.62 11.93 -24.52
N TYR A 103 5.29 10.97 -25.38
CA TYR A 103 3.91 10.70 -25.78
C TYR A 103 3.36 9.52 -25.00
N HIS A 104 2.05 9.30 -25.16
CA HIS A 104 1.32 8.27 -24.42
C HIS A 104 1.47 8.46 -22.91
N SER A 105 1.42 9.71 -22.47
CA SER A 105 1.63 10.06 -21.07
C SER A 105 0.94 11.36 -20.75
N ASP A 106 0.45 11.48 -19.51
CA ASP A 106 -0.13 12.73 -19.05
C ASP A 106 0.92 13.82 -18.80
N ASN A 107 2.20 13.52 -19.02
CA ASN A 107 3.25 14.53 -18.95
C ASN A 107 3.07 15.62 -20.00
N ARG A 108 2.23 15.40 -21.01
CA ARG A 108 2.03 16.39 -22.06
C ARG A 108 1.32 17.63 -21.57
N ARG A 109 0.83 17.64 -20.33
CA ARG A 109 0.25 18.86 -19.77
C ARG A 109 1.27 19.98 -19.67
N ASN A 110 2.57 19.65 -19.70
CA ASN A 110 3.60 20.69 -19.73
C ASN A 110 3.50 21.53 -20.99
N VAL A 111 2.99 20.96 -22.08
CA VAL A 111 2.73 21.75 -23.29
C VAL A 111 1.71 22.84 -23.01
N GLY A 112 0.64 22.50 -22.28
CA GLY A 112 -0.32 23.51 -21.90
C GLY A 112 0.25 24.52 -20.93
N TYR A 113 1.07 24.07 -19.99
CA TYR A 113 1.78 25.00 -19.11
C TYR A 113 2.62 25.98 -19.92
N LEU A 114 3.35 25.46 -20.90
CA LEU A 114 4.20 26.31 -21.74
C LEU A 114 3.37 27.24 -22.61
N MET A 115 2.31 26.72 -23.23
CA MET A 115 1.48 27.54 -24.12
C MET A 115 0.81 28.68 -23.35
N ALA A 116 0.24 28.37 -22.18
CA ALA A 116 -0.41 29.41 -21.38
C ALA A 116 0.61 30.43 -20.87
N TRP A 117 1.86 30.00 -20.65
CA TRP A 117 2.88 30.92 -20.18
C TRP A 117 3.39 31.84 -21.30
N MET A 118 3.47 31.34 -22.53
CA MET A 118 3.91 32.18 -23.65
C MET A 118 2.85 33.21 -24.01
N GLU A 119 1.57 32.86 -23.88
CA GLU A 119 0.49 33.73 -24.28
C GLU A 119 0.20 34.84 -23.25
N GLY A 120 0.94 34.88 -22.15
CA GLY A 120 0.82 35.98 -21.22
C GLY A 120 -0.34 35.90 -20.24
N PHE A 121 -0.89 34.72 -20.03
CA PHE A 121 -1.99 34.58 -19.07
C PHE A 121 -1.48 34.80 -17.65
N ASP A 122 -2.31 35.46 -16.83
CA ASP A 122 -1.92 35.73 -15.45
C ASP A 122 -2.00 34.46 -14.60
N VAL A 123 -3.08 33.70 -14.74
CA VAL A 123 -3.31 32.50 -13.93
C VAL A 123 -3.33 31.30 -14.85
N ILE A 124 -2.56 30.27 -14.50
CA ILE A 124 -2.57 28.99 -15.19
C ILE A 124 -3.19 27.98 -14.23
N VAL A 125 -4.36 27.45 -14.60
CA VAL A 125 -5.07 26.49 -13.77
C VAL A 125 -4.86 25.10 -14.35
N SER A 126 -4.25 24.22 -13.57
CA SER A 126 -4.02 22.83 -13.97
C SER A 126 -5.17 21.97 -13.44
N MET A 127 -5.80 21.23 -14.35
CA MET A 127 -6.91 20.35 -14.00
C MET A 127 -6.78 19.04 -14.76
N ASP A 128 -7.66 18.10 -14.45
CA ASP A 128 -7.80 16.84 -15.17
C ASP A 128 -9.19 16.77 -15.80
N ASP A 129 -9.39 15.76 -16.65
CA ASP A 129 -10.66 15.61 -17.36
C ASP A 129 -11.75 14.98 -16.50
N ASP A 130 -11.56 14.89 -15.19
CA ASP A 130 -12.57 14.34 -14.30
C ASP A 130 -12.82 15.22 -13.08
N ASN A 131 -12.26 16.43 -13.04
CA ASN A 131 -12.51 17.39 -11.98
C ASN A 131 -13.46 18.45 -12.51
N LEU A 132 -14.61 18.60 -11.85
CA LEU A 132 -15.68 19.46 -12.30
C LEU A 132 -15.98 20.54 -11.27
N PRO A 133 -15.97 21.82 -11.66
CA PRO A 133 -16.25 22.89 -10.69
C PRO A 133 -17.66 22.77 -10.12
N THR A 134 -17.78 23.04 -8.83
CA THR A 134 -19.06 22.95 -8.14
C THR A 134 -19.80 24.28 -8.08
N THR A 135 -19.09 25.40 -8.20
CA THR A 135 -19.68 26.73 -8.11
C THR A 135 -19.42 27.50 -9.40
N ASP A 136 -20.15 28.61 -9.55
CA ASP A 136 -20.00 29.45 -10.74
C ASP A 136 -18.75 30.31 -10.69
N ASP A 137 -18.31 30.70 -9.49
CA ASP A 137 -17.12 31.53 -9.33
C ASP A 137 -15.84 30.71 -9.23
N PHE A 138 -15.75 29.63 -10.00
CA PHE A 138 -14.58 28.77 -9.94
C PHE A 138 -13.32 29.53 -10.36
N VAL A 139 -13.38 30.22 -11.49
CA VAL A 139 -12.21 30.96 -11.97
C VAL A 139 -11.92 32.15 -11.05
N GLU A 140 -12.98 32.79 -10.53
CA GLU A 140 -12.78 33.94 -9.66
C GLU A 140 -12.04 33.57 -8.38
N ARG A 141 -12.37 32.42 -7.80
CA ARG A 141 -11.70 31.99 -6.58
C ARG A 141 -10.24 31.62 -6.85
N HIS A 142 -9.94 31.08 -8.03
CA HIS A 142 -8.57 30.75 -8.39
C HIS A 142 -7.73 31.97 -8.71
N GLN A 143 -8.35 33.15 -8.86
CA GLN A 143 -7.62 34.39 -9.11
C GLN A 143 -6.97 34.94 -7.84
N VAL A 144 -7.02 34.21 -6.73
CA VAL A 144 -6.40 34.65 -5.49
C VAL A 144 -4.88 34.67 -5.57
N VAL A 145 -4.30 34.08 -6.62
CA VAL A 145 -2.85 34.04 -6.78
C VAL A 145 -2.36 35.31 -7.45
N CYS A 146 -3.21 36.34 -7.50
CA CYS A 146 -2.85 37.63 -8.08
C CYS A 146 -3.11 38.80 -7.14
N GLN A 147 -3.40 38.54 -5.87
CA GLN A 147 -3.69 39.63 -4.93
C GLN A 147 -2.43 40.33 -4.44
N GLY A 148 -1.27 39.72 -4.60
CA GLY A 148 -0.03 40.32 -4.15
C GLY A 148 0.20 40.16 -2.66
N PRO A 149 1.24 40.79 -2.15
CA PRO A 149 1.55 40.65 -0.72
C PRO A 149 0.59 41.46 0.14
N ARG A 150 0.23 40.89 1.28
CA ARG A 150 -0.66 41.54 2.24
C ARG A 150 -0.56 40.82 3.57
N THR A 151 -0.68 41.58 4.65
CA THR A 151 -0.69 41.01 6.00
C THR A 151 -1.98 40.21 6.17
N GLN A 152 -1.85 38.89 6.24
CA GLN A 152 -2.98 37.98 6.27
C GLN A 152 -2.72 36.89 7.29
N PRO A 153 -3.77 36.25 7.79
CA PRO A 153 -3.57 35.13 8.72
C PRO A 153 -2.96 33.93 8.01
N VAL A 154 -1.84 33.44 8.54
CA VAL A 154 -1.15 32.29 7.98
C VAL A 154 -1.18 31.14 8.98
N THR A 155 -1.18 29.92 8.45
CA THR A 155 -1.28 28.71 9.25
C THR A 155 0.09 28.04 9.36
N ALA A 156 0.54 27.83 10.59
CA ALA A 156 1.81 27.17 10.85
C ALA A 156 1.59 25.91 11.67
N SER A 157 2.49 24.95 11.52
CA SER A 157 2.42 23.68 12.24
C SER A 157 3.76 23.41 12.92
N SER A 158 3.70 22.80 14.10
CA SER A 158 4.91 22.54 14.86
C SER A 158 5.79 21.49 14.19
N ASP A 159 5.20 20.54 13.46
CA ASP A 159 5.95 19.51 12.77
C ASP A 159 6.34 19.91 11.34
N GLY A 160 5.91 21.08 10.88
CA GLY A 160 6.23 21.53 9.55
C GLY A 160 5.41 20.93 8.43
N TRP A 161 4.28 20.29 8.77
CA TRP A 161 3.41 19.69 7.76
C TRP A 161 1.97 20.07 8.05
N PHE A 162 1.19 20.19 6.98
CA PHE A 162 -0.23 20.50 7.09
C PHE A 162 -1.02 19.49 6.26
N ASN A 163 -2.11 18.99 6.84
CA ASN A 163 -2.97 17.99 6.20
C ASN A 163 -4.19 18.69 5.62
N ASN A 164 -4.16 18.94 4.30
CA ASN A 164 -5.26 19.64 3.66
C ASN A 164 -6.56 18.86 3.68
N CYS A 165 -6.50 17.54 3.84
CA CYS A 165 -7.72 16.75 3.92
C CYS A 165 -8.47 16.97 5.22
N ALA A 166 -7.82 17.55 6.23
CA ALA A 166 -8.52 17.95 7.45
C ALA A 166 -9.53 19.05 7.20
N LEU A 167 -9.41 19.77 6.09
CA LEU A 167 -10.39 20.78 5.70
C LEU A 167 -11.65 20.17 5.09
N LEU A 168 -11.68 18.85 4.90
CA LEU A 168 -12.81 18.17 4.31
C LEU A 168 -13.44 17.22 5.31
N GLU A 169 -14.66 16.77 5.00
CA GLU A 169 -15.36 15.76 5.78
C GLU A 169 -15.19 14.44 5.03
N VAL A 170 -14.30 13.59 5.54
CA VAL A 170 -13.94 12.34 4.87
C VAL A 170 -14.38 11.18 5.76
N GLU A 171 -15.09 10.23 5.16
CA GLU A 171 -15.48 8.97 5.77
C GLU A 171 -14.78 7.81 5.07
N PRO A 172 -14.56 6.68 5.75
CA PRO A 172 -14.96 6.35 7.12
C PRO A 172 -14.04 6.92 8.21
N THR A 173 -12.81 7.26 7.84
CA THR A 173 -11.82 7.72 8.81
C THR A 173 -11.00 8.85 8.20
N GLU A 174 -10.11 9.42 9.01
CA GLU A 174 -9.27 10.53 8.56
C GLU A 174 -8.19 10.02 7.60
N VAL A 175 -7.91 10.82 6.57
CA VAL A 175 -6.95 10.44 5.54
C VAL A 175 -5.97 11.58 5.32
N PHE A 176 -4.83 11.23 4.71
CA PHE A 176 -3.79 12.15 4.30
C PHE A 176 -3.76 12.27 2.78
N PRO A 177 -3.30 13.40 2.24
CA PRO A 177 -3.28 13.55 0.78
C PRO A 177 -2.15 12.75 0.15
N ARG A 178 -2.30 12.50 -1.15
CA ARG A 178 -1.26 11.81 -1.90
C ARG A 178 0.00 12.66 -1.94
N GLY A 179 1.15 12.01 -1.66
CA GLY A 179 2.41 12.71 -1.56
C GLY A 179 2.76 13.20 -0.18
N PHE A 180 1.91 12.96 0.82
CA PHE A 180 2.24 13.31 2.20
C PHE A 180 3.23 12.31 2.76
N PRO A 181 4.30 12.76 3.42
CA PRO A 181 5.31 11.82 3.91
C PRO A 181 4.74 10.90 4.97
N PHE A 182 5.07 9.60 4.87
CA PHE A 182 4.51 8.63 5.80
C PHE A 182 5.18 8.71 7.16
N HIS A 183 6.46 9.07 7.22
CA HIS A 183 7.17 9.10 8.50
C HIS A 183 6.66 10.19 9.43
N ALA A 184 5.81 11.10 8.95
CA ALA A 184 5.28 12.18 9.76
C ALA A 184 3.80 12.03 10.07
N ARG A 185 3.17 10.94 9.62
CA ARG A 185 1.73 10.75 9.81
C ARG A 185 1.36 10.33 11.23
N PRO A 186 2.05 9.36 11.84
CA PRO A 186 1.65 8.98 13.22
C PRO A 186 1.76 10.09 14.24
N ALA A 187 2.78 10.95 14.12
CA ALA A 187 3.01 12.00 15.09
C ALA A 187 2.36 13.33 14.71
N HIS A 188 1.61 13.38 13.61
CA HIS A 188 0.99 14.62 13.17
C HIS A 188 -0.22 15.00 14.01
N ALA A 189 -0.86 14.03 14.67
CA ALA A 189 -2.07 14.31 15.44
C ALA A 189 -1.78 15.21 16.64
N GLN A 190 -0.60 15.08 17.24
CA GLN A 190 -0.23 15.87 18.40
C GLN A 190 0.56 17.14 18.04
N ALA A 191 0.56 17.52 16.77
CA ALA A 191 1.28 18.73 16.35
C ALA A 191 0.46 19.97 16.68
N ARG A 192 1.17 21.06 16.96
CA ARG A 192 0.53 22.33 17.32
C ARG A 192 0.26 23.14 16.06
N THR A 193 -1.01 23.49 15.84
CA THR A 193 -1.41 24.30 14.71
C THR A 193 -1.80 25.69 15.21
N SER A 194 -1.12 26.71 14.70
CA SER A 194 -1.34 28.08 15.13
C SER A 194 -1.59 28.96 13.92
N VAL A 195 -2.28 30.08 14.16
CA VAL A 195 -2.59 31.08 13.13
C VAL A 195 -2.07 32.43 13.61
N CYS A 196 -1.30 33.10 12.76
CA CYS A 196 -0.73 34.39 13.10
C CYS A 196 -0.88 35.35 11.93
N GLU A 197 -0.98 36.63 12.24
CA GLU A 197 -1.08 37.68 11.22
C GLU A 197 0.31 37.97 10.67
N ARG A 198 0.57 37.52 9.43
CA ARG A 198 1.88 37.63 8.83
C ARG A 198 1.76 38.05 7.38
N PRO A 199 2.74 38.79 6.86
CA PRO A 199 2.75 39.10 5.42
C PRO A 199 2.94 37.84 4.60
N ALA A 200 2.13 37.70 3.55
CA ALA A 200 2.23 36.54 2.66
C ALA A 200 1.86 36.98 1.26
N ASP A 201 2.39 36.25 0.27
CA ASP A 201 2.13 36.51 -1.14
C ASP A 201 1.70 35.18 -1.77
N VAL A 202 0.39 35.01 -1.94
CA VAL A 202 -0.15 33.75 -2.46
C VAL A 202 0.11 33.67 -3.96
N ARG A 203 0.86 32.63 -4.37
CA ARG A 203 1.13 32.39 -5.77
C ARG A 203 0.65 31.03 -6.26
N ILE A 204 0.36 30.09 -5.36
CA ILE A 204 -0.20 28.79 -5.69
C ILE A 204 -1.45 28.58 -4.84
N ASN A 205 -2.55 28.19 -5.48
CA ASN A 205 -3.80 27.90 -4.77
C ASN A 205 -4.26 26.50 -5.17
N ALA A 206 -4.15 25.56 -4.25
CA ALA A 206 -4.56 24.18 -4.48
C ALA A 206 -6.01 24.03 -4.02
N GLY A 207 -6.92 23.83 -4.98
CA GLY A 207 -8.32 23.67 -4.64
C GLY A 207 -8.64 22.26 -4.15
N LEU A 208 -9.59 22.17 -3.24
CA LEU A 208 -9.99 20.90 -2.66
C LEU A 208 -10.91 20.14 -3.62
N TRP A 209 -11.25 18.91 -3.23
CA TRP A 209 -11.98 18.00 -4.09
C TRP A 209 -12.99 17.20 -3.27
N LEU A 210 -14.19 17.06 -3.81
CA LEU A 210 -15.25 16.26 -3.19
C LEU A 210 -15.45 14.98 -3.99
N GLY A 211 -16.06 14.00 -3.34
CA GLY A 211 -16.20 12.67 -3.93
C GLY A 211 -15.01 11.77 -3.61
N ASP A 212 -14.18 11.50 -4.62
CA ASP A 212 -12.97 10.71 -4.42
C ASP A 212 -11.80 11.66 -4.17
N PRO A 213 -11.32 11.80 -2.93
CA PRO A 213 -10.25 12.77 -2.67
C PRO A 213 -8.91 12.27 -3.19
N ASP A 214 -8.01 13.23 -3.39
CA ASP A 214 -6.68 12.92 -3.90
C ASP A 214 -5.82 12.27 -2.82
N VAL A 215 -5.91 10.94 -2.71
CA VAL A 215 -5.10 10.18 -1.77
C VAL A 215 -4.29 9.16 -2.55
N ASP A 216 -3.25 8.64 -1.90
CA ASP A 216 -2.41 7.62 -2.52
C ASP A 216 -3.17 6.29 -2.61
N ALA A 217 -2.61 5.37 -3.37
CA ALA A 217 -3.26 4.07 -3.56
C ALA A 217 -3.30 3.27 -2.27
N ILE A 218 -2.36 3.52 -1.35
CA ILE A 218 -2.37 2.82 -0.07
C ILE A 218 -3.61 3.20 0.73
N THR A 219 -3.95 4.49 0.75
CA THR A 219 -5.12 4.93 1.49
C THR A 219 -6.41 4.47 0.80
N ARG A 220 -6.47 4.56 -0.53
CA ARG A 220 -7.69 4.18 -1.24
C ARG A 220 -7.95 2.68 -1.16
N LEU A 221 -6.89 1.87 -1.12
CA LEU A 221 -7.07 0.43 -0.97
C LEU A 221 -7.46 0.04 0.44
N ALA A 222 -7.22 0.89 1.44
CA ALA A 222 -7.43 0.54 2.84
C ALA A 222 -8.79 0.98 3.37
N VAL A 223 -9.25 2.18 3.03
CA VAL A 223 -10.48 2.70 3.63
C VAL A 223 -11.43 3.22 2.56
N ARG A 224 -10.94 3.35 1.32
CA ARG A 224 -11.74 3.88 0.21
C ARG A 224 -12.38 5.21 0.59
N PRO A 225 -11.60 6.29 0.67
CA PRO A 225 -12.12 7.54 1.22
C PRO A 225 -13.21 8.14 0.34
N ASN A 226 -14.05 8.95 0.98
CA ASN A 226 -15.13 9.64 0.28
C ASN A 226 -15.30 11.02 0.92
N ALA A 227 -14.95 12.07 0.18
CA ALA A 227 -15.04 13.44 0.70
C ALA A 227 -16.48 13.91 0.63
N LEU A 228 -17.08 14.13 1.80
CA LEU A 228 -18.50 14.49 1.87
C LEU A 228 -18.73 15.98 1.66
N ALA A 229 -18.00 16.84 2.36
CA ALA A 229 -18.20 18.28 2.26
C ALA A 229 -16.91 19.01 2.61
N HIS A 230 -16.89 20.29 2.29
CA HIS A 230 -15.77 21.18 2.62
C HIS A 230 -16.15 21.99 3.85
N SER A 231 -15.53 21.68 4.98
CA SER A 231 -15.87 22.32 6.25
C SER A 231 -14.75 23.13 6.87
N GLY A 232 -13.50 22.95 6.44
CA GLY A 232 -12.39 23.63 7.05
C GLY A 232 -12.07 25.01 6.53
N GLY A 233 -12.70 25.41 5.42
CA GLY A 233 -12.41 26.70 4.83
C GLY A 233 -11.11 26.71 4.06
N SER A 234 -10.38 27.82 4.12
CA SER A 234 -9.13 27.97 3.40
C SER A 234 -8.03 28.45 4.35
N VAL A 235 -6.79 28.09 4.02
CA VAL A 235 -5.63 28.47 4.81
C VAL A 235 -4.49 28.86 3.87
N VAL A 236 -3.54 29.62 4.40
CA VAL A 236 -2.33 30.00 3.71
C VAL A 236 -1.17 29.56 4.59
N LEU A 237 -0.37 28.61 4.09
CA LEU A 237 0.69 28.04 4.92
C LEU A 237 1.85 29.00 5.08
N ALA A 238 2.40 29.05 6.30
CA ALA A 238 3.50 29.94 6.62
C ALA A 238 4.81 29.34 6.14
N GLU A 239 5.90 30.07 6.38
CA GLU A 239 7.22 29.60 5.99
C GLU A 239 7.63 28.43 6.88
N GLY A 240 7.94 27.29 6.25
CA GLY A 240 8.35 26.10 6.96
C GLY A 240 7.29 25.03 7.09
N THR A 241 6.04 25.36 6.78
CA THR A 241 4.95 24.39 6.82
C THR A 241 4.61 23.99 5.38
N TRP A 242 4.71 22.70 5.10
CA TRP A 242 4.52 22.18 3.75
C TRP A 242 3.27 21.30 3.68
N CYS A 243 2.82 21.06 2.45
CA CYS A 243 1.73 20.16 2.12
C CYS A 243 1.76 19.84 0.62
N PRO A 244 1.54 18.59 0.23
CA PRO A 244 1.62 18.24 -1.20
C PRO A 244 0.55 18.95 -2.01
N VAL A 245 0.94 19.38 -3.21
CA VAL A 245 0.07 20.09 -4.13
C VAL A 245 -0.02 19.30 -5.42
N ASN A 246 -1.24 18.98 -5.83
CA ASN A 246 -1.45 18.18 -7.04
C ASN A 246 -1.67 19.10 -8.24
N ALA A 247 -1.98 18.51 -9.38
CA ALA A 247 -2.19 19.24 -10.62
C ALA A 247 -3.59 19.03 -11.19
N GLN A 248 -4.53 18.62 -10.35
CA GLN A 248 -5.90 18.38 -10.81
C GLN A 248 -6.86 19.52 -10.47
N ASN A 249 -6.48 20.41 -9.55
CA ASN A 249 -7.29 21.58 -9.21
C ASN A 249 -6.40 22.64 -8.55
N THR A 250 -5.39 23.10 -9.29
CA THR A 250 -4.36 23.97 -8.73
C THR A 250 -4.14 25.15 -9.66
N ALA A 251 -4.22 26.36 -9.11
CA ALA A 251 -3.93 27.59 -9.83
C ALA A 251 -2.51 28.04 -9.49
N VAL A 252 -1.75 28.42 -10.51
CA VAL A 252 -0.37 28.87 -10.34
C VAL A 252 -0.22 30.20 -11.05
N HIS A 253 0.34 31.18 -10.34
CA HIS A 253 0.62 32.47 -10.97
C HIS A 253 1.71 32.30 -12.02
N ARG A 254 1.67 33.15 -13.04
CA ARG A 254 2.57 32.99 -14.18
C ARG A 254 4.04 33.11 -13.76
N ASP A 255 4.31 33.85 -12.69
CA ASP A 255 5.69 33.95 -12.21
C ASP A 255 6.17 32.62 -11.62
N ALA A 256 5.30 31.92 -10.92
CA ALA A 256 5.65 30.62 -10.35
C ALA A 256 5.53 29.48 -11.35
N LEU A 257 5.01 29.75 -12.55
CA LEU A 257 4.83 28.68 -13.54
C LEU A 257 6.14 28.02 -13.95
N PRO A 258 7.27 28.72 -14.11
CA PRO A 258 8.51 28.02 -14.46
C PRO A 258 8.91 26.92 -13.48
N ALA A 259 8.51 27.03 -12.21
CA ALA A 259 8.85 26.04 -11.20
C ALA A 259 7.80 24.93 -11.10
N TYR A 260 6.79 24.93 -11.98
CA TYR A 260 5.69 23.97 -11.92
C TYR A 260 5.80 22.91 -13.00
N TYR A 261 7.03 22.53 -13.36
CA TYR A 261 7.26 21.53 -14.40
C TYR A 261 6.82 20.15 -13.90
N PHE A 262 5.89 19.53 -14.63
CA PHE A 262 5.40 18.20 -14.30
C PHE A 262 6.49 17.17 -14.60
N LEU A 263 7.03 16.55 -13.55
CA LEU A 263 8.20 15.70 -13.70
C LEU A 263 7.89 14.46 -14.55
N ARG A 264 8.89 14.02 -15.29
CA ARG A 264 8.74 12.87 -16.18
C ARG A 264 8.83 11.58 -15.38
N MET A 265 7.83 10.71 -15.54
CA MET A 265 7.76 9.44 -14.85
C MET A 265 8.29 8.32 -15.74
N GLY A 266 8.34 7.11 -15.21
CA GLY A 266 8.79 5.96 -15.94
C GLY A 266 10.21 5.51 -15.64
N GLN A 267 10.81 5.97 -14.56
CA GLN A 267 12.17 5.58 -14.22
C GLN A 267 12.14 4.41 -13.24
N PRO A 268 12.89 3.34 -13.50
CA PRO A 268 12.84 2.17 -12.62
C PRO A 268 13.62 2.41 -11.33
N VAL A 269 12.97 2.15 -10.20
CA VAL A 269 13.60 2.11 -8.89
C VAL A 269 13.57 0.67 -8.41
N ASP A 270 14.76 0.08 -8.26
CA ASP A 270 14.90 -1.34 -7.94
C ASP A 270 14.21 -2.21 -9.01
N GLY A 271 14.31 -1.77 -10.27
CA GLY A 271 13.70 -2.48 -11.37
C GLY A 271 12.21 -2.26 -11.54
N VAL A 272 11.62 -1.32 -10.83
CA VAL A 272 10.18 -1.05 -10.90
C VAL A 272 9.99 0.39 -11.37
N PRO A 273 9.41 0.63 -12.54
CA PRO A 273 9.24 2.01 -13.02
C PRO A 273 8.21 2.76 -12.18
N MET A 274 8.57 3.97 -11.78
CA MET A 274 7.67 4.79 -10.98
C MET A 274 6.69 5.54 -11.88
N GLU A 275 5.54 5.88 -11.30
CA GLU A 275 4.49 6.60 -11.99
C GLU A 275 3.60 7.27 -10.96
N ARG A 276 2.64 8.07 -11.46
CA ARG A 276 1.59 8.72 -10.68
C ARG A 276 2.11 9.77 -9.70
N PHE A 277 3.40 10.11 -9.74
CA PHE A 277 3.96 11.10 -8.83
C PHE A 277 4.59 12.28 -9.58
N GLY A 278 4.16 12.52 -10.82
CA GLY A 278 4.71 13.65 -11.56
C GLY A 278 4.34 14.98 -10.95
N ASP A 279 3.11 15.11 -10.45
CA ASP A 279 2.67 16.34 -9.81
C ASP A 279 3.03 16.40 -8.34
N ILE A 280 3.42 15.28 -7.74
CA ILE A 280 3.86 15.31 -6.34
C ILE A 280 5.18 16.05 -6.24
N PHE A 281 6.12 15.75 -7.14
CA PHE A 281 7.39 16.49 -7.14
C PHE A 281 7.18 17.94 -7.55
N SER A 282 6.40 18.17 -8.62
CA SER A 282 6.15 19.54 -9.05
C SER A 282 5.42 20.34 -7.98
N GLY A 283 4.47 19.70 -7.29
CA GLY A 283 3.78 20.39 -6.21
C GLY A 283 4.70 20.77 -5.08
N TYR A 284 5.69 19.92 -4.78
CA TYR A 284 6.67 20.24 -3.76
C TYR A 284 7.76 21.17 -4.28
N PHE A 285 8.14 21.03 -5.55
CA PHE A 285 9.21 21.86 -6.10
C PHE A 285 8.79 23.32 -6.19
N VAL A 286 7.60 23.57 -6.75
CA VAL A 286 7.10 24.95 -6.83
C VAL A 286 6.80 25.51 -5.45
N GLN A 287 6.59 24.65 -4.46
CA GLN A 287 6.34 25.10 -3.10
C GLN A 287 7.63 25.50 -2.40
N VAL A 288 8.69 24.70 -2.57
CA VAL A 288 9.99 25.03 -2.00
C VAL A 288 10.56 26.27 -2.67
N CYS A 289 10.36 26.40 -3.98
CA CYS A 289 10.83 27.59 -4.68
C CYS A 289 10.05 28.84 -4.27
N ALA A 290 8.75 28.70 -4.00
CA ALA A 290 7.94 29.86 -3.65
C ALA A 290 8.35 30.45 -2.30
N GLN A 291 8.56 29.59 -1.30
CA GLN A 291 8.92 30.08 0.02
C GLN A 291 10.31 30.71 0.04
N HIS A 292 11.20 30.25 -0.84
CA HIS A 292 12.52 30.88 -0.94
C HIS A 292 12.40 32.31 -1.46
N LEU A 293 11.41 32.58 -2.31
CA LEU A 293 11.19 33.89 -2.90
C LEU A 293 10.16 34.71 -2.13
N GLY A 294 9.81 34.31 -0.91
CA GLY A 294 8.86 35.06 -0.11
C GLY A 294 7.41 34.87 -0.48
N HIS A 295 7.08 33.75 -1.14
CA HIS A 295 5.71 33.47 -1.54
C HIS A 295 5.16 32.29 -0.73
N ALA A 296 3.85 32.08 -0.84
CA ALA A 296 3.16 31.08 -0.03
C ALA A 296 2.20 30.30 -0.90
N VAL A 297 1.66 29.22 -0.33
CA VAL A 297 0.70 28.34 -1.00
C VAL A 297 -0.60 28.38 -0.23
N ARG A 298 -1.72 28.45 -0.95
CA ARG A 298 -3.05 28.48 -0.38
C ARG A 298 -3.77 27.15 -0.66
N PHE A 299 -4.59 26.72 0.28
CA PHE A 299 -5.37 25.50 0.17
C PHE A 299 -6.82 25.77 0.55
N GLY A 300 -7.75 25.26 -0.25
CA GLY A 300 -9.16 25.45 0.03
C GLY A 300 -10.01 25.62 -1.21
N ASP A 301 -10.78 26.70 -1.25
CA ASP A 301 -11.63 26.95 -2.41
C ASP A 301 -10.79 27.36 -3.61
N PRO A 302 -11.29 27.16 -4.84
CA PRO A 302 -12.59 26.56 -5.19
C PRO A 302 -12.58 25.03 -5.12
N VAL A 303 -13.69 24.45 -4.70
CA VAL A 303 -13.82 23.01 -4.55
C VAL A 303 -14.45 22.44 -5.81
N VAL A 304 -13.95 21.28 -6.25
CA VAL A 304 -14.44 20.64 -7.45
C VAL A 304 -14.95 19.24 -7.12
N GLU A 305 -15.85 18.73 -7.96
CA GLU A 305 -16.27 17.34 -7.87
C GLU A 305 -15.24 16.47 -8.57
N HIS A 306 -14.94 15.31 -7.98
CA HIS A 306 -13.95 14.39 -8.51
C HIS A 306 -14.58 13.00 -8.69
N PRO A 307 -15.40 12.82 -9.73
CA PRO A 307 -15.77 11.45 -10.13
C PRO A 307 -14.61 10.77 -10.83
N ARG A 308 -13.72 10.16 -10.04
CA ARG A 308 -12.45 9.66 -10.57
C ARG A 308 -12.67 8.61 -11.65
N ASN A 309 -11.80 8.62 -12.66
CA ASN A 309 -11.84 7.61 -13.70
C ASN A 309 -11.61 6.23 -13.10
N GLU A 310 -12.16 5.21 -13.76
CA GLU A 310 -12.01 3.85 -13.29
C GLU A 310 -10.54 3.43 -13.35
N HIS A 311 -10.02 2.96 -12.22
CA HIS A 311 -8.61 2.56 -12.11
C HIS A 311 -8.51 1.19 -11.47
N ASP A 312 -7.44 0.49 -11.82
CA ASP A 312 -7.03 -0.72 -11.11
C ASP A 312 -6.22 -0.27 -9.90
N LEU A 313 -6.80 -0.38 -8.70
CA LEU A 313 -6.15 0.17 -7.51
C LEU A 313 -4.87 -0.57 -7.16
N LEU A 314 -4.80 -1.88 -7.45
CA LEU A 314 -3.55 -2.60 -7.24
C LEU A 314 -2.50 -2.18 -8.25
N ASP A 315 -2.91 -1.78 -9.44
CA ASP A 315 -1.94 -1.26 -10.42
C ASP A 315 -1.46 0.14 -10.03
N ASP A 316 -2.36 0.96 -9.46
CA ASP A 316 -1.93 2.25 -8.93
C ASP A 316 -0.91 2.06 -7.81
N LEU A 317 -1.12 1.05 -6.97
CA LEU A 317 -0.15 0.75 -5.92
C LEU A 317 1.18 0.31 -6.52
N HIS A 318 1.13 -0.53 -7.56
CA HIS A 318 2.35 -0.97 -8.21
C HIS A 318 3.13 0.20 -8.81
N LYS A 319 2.43 1.25 -9.24
CA LYS A 319 3.10 2.41 -9.82
C LYS A 319 3.61 3.38 -8.76
N GLU A 320 2.89 3.52 -7.64
CA GLU A 320 3.22 4.51 -6.64
C GLU A 320 4.27 4.05 -5.65
N VAL A 321 4.42 2.73 -5.44
CA VAL A 321 5.40 2.24 -4.47
C VAL A 321 6.82 2.72 -4.77
N PRO A 322 7.33 2.64 -6.01
CA PRO A 322 8.69 3.12 -6.25
C PRO A 322 8.91 4.57 -5.86
N ALA A 323 7.89 5.42 -6.00
CA ALA A 323 8.05 6.83 -5.63
C ALA A 323 7.88 7.05 -4.13
N VAL A 324 7.02 6.26 -3.47
CA VAL A 324 6.78 6.43 -2.04
C VAL A 324 8.03 6.06 -1.24
N ARG A 325 8.78 5.05 -1.70
CA ARG A 325 9.94 4.59 -0.95
C ARG A 325 11.05 5.63 -0.89
N LEU A 326 10.99 6.67 -1.73
CA LEU A 326 12.04 7.66 -1.78
C LEU A 326 11.61 9.05 -1.34
N LEU A 327 10.30 9.32 -1.30
CA LEU A 327 9.82 10.69 -1.10
C LEU A 327 10.19 11.22 0.27
N ASP A 328 10.09 10.39 1.31
CA ASP A 328 10.34 10.86 2.67
C ASP A 328 11.78 11.35 2.83
N ASP A 329 12.74 10.64 2.25
CA ASP A 329 14.13 11.05 2.33
C ASP A 329 14.39 12.32 1.52
N ILE A 330 13.72 12.44 0.37
CA ILE A 330 13.89 13.62 -0.47
C ILE A 330 13.39 14.86 0.25
N LEU A 331 12.21 14.78 0.88
CA LEU A 331 11.64 15.94 1.55
C LEU A 331 12.47 16.36 2.75
N ASP A 332 13.10 15.41 3.43
CA ASP A 332 13.91 15.75 4.60
C ASP A 332 15.18 16.49 4.20
N HIS A 333 15.85 16.04 3.12
CA HIS A 333 17.06 16.70 2.69
C HIS A 333 16.80 18.05 2.03
N LEU A 334 15.58 18.27 1.52
CA LEU A 334 15.25 19.57 0.95
C LEU A 334 15.16 20.65 2.03
N ARG A 335 14.83 20.26 3.27
CA ARG A 335 14.80 21.22 4.37
C ARG A 335 16.21 21.60 4.83
N ASP A 336 17.20 20.80 4.48
CA ASP A 336 18.58 21.07 4.86
C ASP A 336 19.37 21.79 3.76
N HIS A 337 18.78 21.98 2.59
CA HIS A 337 19.46 22.57 1.44
C HIS A 337 18.89 23.94 1.13
N PRO A 338 19.49 25.02 1.61
CA PRO A 338 19.01 26.36 1.23
C PRO A 338 19.24 26.62 -0.25
N LEU A 339 18.24 27.23 -0.88
CA LEU A 339 18.30 27.49 -2.31
C LEU A 339 18.83 28.89 -2.60
N GLU A 340 19.16 29.12 -3.87
CA GLU A 340 19.60 30.42 -4.36
C GLU A 340 18.78 30.81 -5.57
N GLY A 341 18.77 32.09 -5.87
CA GLY A 341 18.06 32.61 -7.03
C GLY A 341 17.21 33.83 -6.71
N GLY A 342 17.01 34.67 -7.72
CA GLY A 342 16.22 35.88 -7.58
C GLY A 342 14.80 35.73 -8.06
N ASP A 343 14.58 34.83 -9.01
CA ASP A 343 13.26 34.53 -9.56
C ASP A 343 13.08 33.02 -9.63
N TYR A 344 11.91 32.60 -10.13
CA TYR A 344 11.59 31.18 -10.15
C TYR A 344 12.50 30.40 -11.11
N LEU A 345 12.97 31.04 -12.18
CA LEU A 345 13.89 30.37 -13.10
C LEU A 345 15.21 30.04 -12.42
N GLU A 346 15.80 31.02 -11.73
CA GLU A 346 17.06 30.77 -11.04
C GLU A 346 16.87 29.85 -9.83
N THR A 347 15.74 29.98 -9.14
CA THR A 347 15.50 29.15 -7.97
C THR A 347 15.27 27.70 -8.37
N TYR A 348 14.53 27.48 -9.47
CA TYR A 348 14.27 26.11 -9.92
C TYR A 348 15.54 25.42 -10.37
N GLU A 349 16.40 26.14 -11.12
CA GLU A 349 17.66 25.54 -11.55
C GLU A 349 18.58 25.28 -10.37
N SER A 350 18.56 26.17 -9.37
CA SER A 350 19.31 25.90 -8.15
C SER A 350 18.73 24.70 -7.40
N LEU A 351 17.43 24.47 -7.53
CA LEU A 351 16.81 23.28 -6.94
C LEU A 351 17.27 22.01 -7.63
N SER A 352 17.42 22.06 -8.96
CA SER A 352 17.85 20.88 -9.70
C SER A 352 19.25 20.44 -9.27
N TYR A 353 20.16 21.39 -9.08
CA TYR A 353 21.50 21.05 -8.61
C TYR A 353 21.47 20.58 -7.16
N ALA A 354 20.53 21.09 -6.37
CA ALA A 354 20.38 20.60 -5.00
C ALA A 354 19.90 19.16 -4.97
N LEU A 355 19.05 18.77 -5.92
CA LEU A 355 18.59 17.39 -5.98
C LEU A 355 19.74 16.44 -6.33
N GLN A 356 20.71 16.90 -7.12
CA GLN A 356 21.84 16.05 -7.47
C GLN A 356 22.79 15.86 -6.29
N GLU A 357 22.92 16.86 -5.42
CA GLU A 357 23.70 16.69 -4.21
C GLU A 357 23.00 15.79 -3.20
N ILE A 358 21.66 15.84 -3.17
CA ILE A 358 20.90 14.96 -2.29
C ILE A 358 20.99 13.51 -2.75
N ALA A 359 21.02 13.30 -4.07
CA ALA A 359 21.08 11.95 -4.62
C ALA A 359 22.32 11.19 -4.18
N GLU A 360 23.38 11.90 -3.77
CA GLU A 360 24.62 11.25 -3.35
C GLU A 360 24.81 11.24 -1.84
N ARG A 361 24.17 12.17 -1.11
CA ARG A 361 24.30 12.19 0.34
C ARG A 361 23.28 11.28 1.03
N VAL A 362 22.13 11.04 0.40
CA VAL A 362 21.08 10.26 1.04
C VAL A 362 21.51 8.79 1.14
N ASN A 363 21.05 8.13 2.20
CA ASN A 363 21.35 6.72 2.43
C ASN A 363 20.04 5.99 2.74
N GLY A 364 20.05 4.69 2.53
CA GLY A 364 18.90 3.87 2.79
C GLY A 364 18.92 2.60 1.95
N ARG A 365 17.99 1.71 2.26
CA ARG A 365 17.89 0.45 1.52
C ARG A 365 17.31 0.68 0.13
N ALA A 366 16.38 1.63 0.00
CA ALA A 366 15.71 1.87 -1.28
C ALA A 366 16.56 2.71 -2.24
N TRP A 367 17.71 3.22 -1.79
CA TRP A 367 18.52 4.10 -2.63
C TRP A 367 19.57 3.28 -3.37
N SER A 368 19.09 2.56 -4.38
CA SER A 368 19.96 1.81 -5.28
C SER A 368 20.58 2.76 -6.30
N PRO A 369 21.59 2.30 -7.06
CA PRO A 369 22.18 3.18 -8.08
C PRO A 369 21.19 3.77 -9.07
N ASP A 370 20.16 3.01 -9.45
CA ASP A 370 19.15 3.56 -10.36
C ASP A 370 18.22 4.53 -9.65
N ALA A 371 18.00 4.36 -8.35
CA ALA A 371 17.16 5.30 -7.60
C ALA A 371 17.85 6.65 -7.47
N ARG A 372 19.17 6.65 -7.22
CA ARG A 372 19.91 7.90 -7.19
C ARG A 372 19.97 8.54 -8.58
N ALA A 373 20.11 7.72 -9.63
CA ALA A 373 20.12 8.25 -10.99
C ALA A 373 18.81 8.90 -11.39
N PHE A 374 17.70 8.51 -10.74
CA PHE A 374 16.41 9.15 -11.03
C PHE A 374 16.47 10.64 -10.74
N LEU A 375 17.14 11.03 -9.65
CA LEU A 375 17.24 12.45 -9.32
C LEU A 375 18.17 13.18 -10.28
N HIS A 376 19.20 12.51 -10.79
CA HIS A 376 20.13 13.18 -11.69
C HIS A 376 19.49 13.44 -13.05
N ARG A 377 18.74 12.47 -13.58
CA ARG A 377 18.09 12.68 -14.88
C ARG A 377 16.93 13.66 -14.76
N SER A 378 16.18 13.60 -13.65
CA SER A 378 15.11 14.56 -13.44
C SER A 378 15.64 15.99 -13.37
N ALA A 379 16.80 16.16 -12.74
CA ALA A 379 17.40 17.50 -12.63
C ALA A 379 17.80 18.03 -14.00
N HIS A 380 18.31 17.17 -14.88
CA HIS A 380 18.63 17.61 -16.24
C HIS A 380 17.37 17.98 -17.00
N LEU A 381 16.29 17.23 -16.80
CA LEU A 381 15.03 17.55 -17.46
C LEU A 381 14.42 18.83 -16.91
N MET A 382 14.72 19.16 -15.65
CA MET A 382 14.26 20.42 -15.09
C MET A 382 15.01 21.60 -15.71
N ARG A 383 16.31 21.45 -15.95
CA ARG A 383 17.06 22.50 -16.62
C ARG A 383 16.69 22.59 -18.10
N SER A 384 16.38 21.46 -18.73
CA SER A 384 15.89 21.49 -20.10
C SER A 384 14.54 22.17 -20.18
N TRP A 385 13.74 22.09 -19.12
CA TRP A 385 12.47 22.80 -19.08
C TRP A 385 12.68 24.30 -18.93
N THR A 386 13.58 24.71 -18.03
CA THR A 386 13.84 26.14 -17.86
C THR A 386 14.55 26.72 -19.08
N GLY A 387 15.42 25.94 -19.73
CA GLY A 387 16.06 26.42 -20.94
C GLY A 387 15.09 26.71 -22.06
N ALA A 388 14.02 25.93 -22.16
CA ALA A 388 13.01 26.20 -23.17
C ALA A 388 12.22 27.46 -22.85
N LEU A 389 11.98 27.74 -21.56
CA LEU A 389 11.27 28.96 -21.20
C LEU A 389 12.12 30.20 -21.44
N ARG A 390 13.42 30.11 -21.17
CA ARG A 390 14.31 31.23 -21.43
C ARG A 390 14.45 31.50 -22.93
N THR A 391 14.28 30.47 -23.76
CA THR A 391 14.31 30.68 -25.20
C THR A 391 13.11 31.49 -25.67
N VAL A 392 11.95 31.30 -25.03
CA VAL A 392 10.76 32.05 -25.40
C VAL A 392 10.92 33.52 -25.00
N ALA A 393 11.30 33.77 -23.75
CA ALA A 393 11.44 35.13 -23.25
C ALA A 393 12.62 35.84 -23.90
N ARG B 23 -9.32 -37.84 27.34
CA ARG B 23 -8.67 -36.86 26.49
C ARG B 23 -7.18 -37.12 26.39
N ASP B 24 -6.42 -36.59 27.35
CA ASP B 24 -4.96 -36.70 27.39
C ASP B 24 -4.33 -36.17 26.09
N ILE B 25 -4.66 -34.91 25.79
CA ILE B 25 -4.23 -34.30 24.53
C ILE B 25 -2.84 -33.73 24.70
N SER B 26 -1.99 -33.95 23.69
CA SER B 26 -0.65 -33.38 23.67
C SER B 26 -0.61 -32.17 22.74
N THR B 27 0.24 -31.21 23.09
CA THR B 27 0.36 -29.96 22.34
C THR B 27 1.81 -29.52 22.30
N ALA B 28 2.28 -29.14 21.11
CA ALA B 28 3.63 -28.62 20.93
C ALA B 28 3.54 -27.27 20.22
N VAL B 29 4.21 -26.27 20.79
CA VAL B 29 4.23 -24.92 20.24
C VAL B 29 5.49 -24.76 19.40
N VAL B 30 5.33 -24.24 18.18
CA VAL B 30 6.43 -24.05 17.25
C VAL B 30 6.68 -22.56 17.11
N VAL B 31 7.89 -22.14 17.43
CA VAL B 31 8.31 -20.74 17.32
C VAL B 31 9.73 -20.71 16.77
N THR B 32 9.94 -19.96 15.70
CA THR B 32 11.28 -19.70 15.18
C THR B 32 11.63 -18.23 15.44
N THR B 33 12.88 -17.98 15.82
CA THR B 33 13.24 -16.64 16.26
C THR B 33 14.74 -16.44 16.11
N ILE B 34 15.12 -15.16 15.96
CA ILE B 34 16.51 -14.72 15.96
C ILE B 34 16.79 -13.78 17.12
N SER B 35 15.86 -13.64 18.05
CA SER B 35 16.01 -12.72 19.17
C SER B 35 16.91 -13.34 20.24
N ASP B 36 17.02 -12.67 21.38
CA ASP B 36 17.86 -13.13 22.48
C ASP B 36 17.12 -14.10 23.41
N GLY B 37 15.82 -14.32 23.21
CA GLY B 37 15.05 -15.22 24.03
C GLY B 37 14.30 -14.58 25.17
N GLY B 38 14.27 -13.24 25.25
CA GLY B 38 13.55 -12.58 26.34
C GLY B 38 12.05 -12.80 26.29
N PHE B 39 11.51 -13.17 25.14
CA PHE B 39 10.08 -13.44 25.03
C PHE B 39 9.65 -14.66 25.83
N LEU B 40 10.58 -15.54 26.18
CA LEU B 40 10.25 -16.71 26.97
C LEU B 40 9.73 -16.37 28.36
N ASP B 41 10.08 -15.19 28.88
CA ASP B 41 9.62 -14.80 30.21
C ASP B 41 8.11 -14.63 30.27
N ARG B 42 7.49 -14.21 29.17
CA ARG B 42 6.05 -14.04 29.10
C ARG B 42 5.33 -15.14 28.35
N LEU B 43 6.06 -16.05 27.72
CA LEU B 43 5.43 -17.16 26.98
C LEU B 43 5.43 -18.47 27.76
N ALA B 44 6.43 -18.69 28.61
CA ALA B 44 6.61 -19.90 29.41
C ALA B 44 5.49 -20.17 30.41
N PRO B 45 5.06 -19.17 31.19
CA PRO B 45 4.05 -19.45 32.24
C PRO B 45 2.80 -20.16 31.74
N ALA B 46 2.25 -19.75 30.60
CA ALA B 46 1.06 -20.42 30.10
C ALA B 46 1.37 -21.76 29.47
N LEU B 47 2.60 -21.96 29.00
CA LEU B 47 3.00 -23.22 28.39
C LEU B 47 3.44 -24.26 29.42
N ARG B 48 4.17 -23.84 30.46
CA ARG B 48 4.64 -24.81 31.45
C ARG B 48 3.52 -25.30 32.36
N ASP B 49 2.48 -24.47 32.56
CA ASP B 49 1.35 -24.85 33.38
C ASP B 49 0.42 -25.84 32.70
N ALA B 50 0.54 -26.00 31.38
CA ALA B 50 -0.25 -26.97 30.64
C ALA B 50 0.54 -28.19 30.20
N GLY B 51 1.84 -28.23 30.48
CA GLY B 51 2.67 -29.34 30.06
C GLY B 51 2.99 -29.38 28.59
N ALA B 52 2.77 -28.28 27.88
CA ALA B 52 3.03 -28.24 26.44
C ALA B 52 4.52 -28.11 26.16
N ARG B 53 4.93 -28.61 25.00
CA ARG B 53 6.32 -28.52 24.56
C ARG B 53 6.50 -27.30 23.66
N LEU B 54 7.61 -26.59 23.86
CA LEU B 54 7.97 -25.43 23.06
C LEU B 54 9.17 -25.79 22.21
N ILE B 55 8.97 -25.87 20.90
CA ILE B 55 10.02 -26.19 19.94
C ILE B 55 10.52 -24.86 19.37
N VAL B 56 11.66 -24.39 19.88
CA VAL B 56 12.27 -23.15 19.39
C VAL B 56 13.23 -23.51 18.27
N ILE B 57 13.04 -22.90 17.10
CA ILE B 57 13.87 -23.18 15.93
C ILE B 57 14.80 -21.99 15.69
N PRO B 58 16.06 -22.07 16.09
CA PRO B 58 17.00 -20.99 15.80
C PRO B 58 17.48 -21.05 14.36
N ASP B 59 18.25 -20.03 13.99
CA ASP B 59 18.78 -19.89 12.64
C ASP B 59 20.28 -19.60 12.74
N ARG B 60 20.94 -19.43 11.59
CA ARG B 60 22.35 -19.10 11.59
C ARG B 60 22.60 -17.71 12.15
N ASN B 61 21.67 -16.77 11.92
CA ASN B 61 21.78 -15.42 12.44
C ASN B 61 21.18 -15.25 13.83
N THR B 62 21.14 -16.33 14.61
CA THR B 62 20.63 -16.30 15.98
C THR B 62 21.79 -16.33 16.96
N GLY B 63 21.81 -15.37 17.88
CA GLY B 63 22.87 -15.27 18.85
C GLY B 63 22.82 -16.38 19.89
N PRO B 64 23.89 -16.50 20.69
CA PRO B 64 23.92 -17.54 21.73
C PRO B 64 23.05 -17.23 22.94
N ALA B 65 22.40 -16.07 22.99
CA ALA B 65 21.55 -15.74 24.13
C ALA B 65 20.26 -16.56 24.12
N LEU B 66 19.82 -17.00 22.94
CA LEU B 66 18.60 -17.80 22.88
C LEU B 66 18.80 -19.16 23.52
N PHE B 67 19.93 -19.81 23.25
CA PHE B 67 20.20 -21.11 23.84
C PHE B 67 20.33 -21.01 25.36
N ALA B 68 20.94 -19.91 25.84
CA ALA B 68 21.01 -19.70 27.28
C ALA B 68 19.65 -19.39 27.87
N ALA B 69 18.76 -18.74 27.11
CA ALA B 69 17.43 -18.46 27.62
C ALA B 69 16.55 -19.71 27.61
N CYS B 70 16.75 -20.60 26.63
CA CYS B 70 16.00 -21.84 26.60
C CYS B 70 16.37 -22.76 27.75
N GLU B 71 17.66 -22.81 28.10
CA GLU B 71 18.11 -23.62 29.22
C GLU B 71 17.75 -23.00 30.56
N ARG B 72 17.60 -21.67 30.61
CA ARG B 72 17.20 -21.02 31.85
C ARG B 72 15.75 -21.36 32.20
N HIS B 73 14.85 -21.30 31.22
CA HIS B 73 13.46 -21.68 31.44
C HIS B 73 13.28 -23.19 31.51
N ARG B 74 14.21 -23.97 30.97
CA ARG B 74 14.14 -25.42 31.10
C ARG B 74 14.38 -25.86 32.55
N ARG B 75 15.15 -25.07 33.30
CA ARG B 75 15.34 -25.36 34.72
C ARG B 75 14.07 -25.10 35.53
N LEU B 76 13.21 -24.20 35.05
CA LEU B 76 11.99 -23.84 35.75
C LEU B 76 10.83 -24.78 35.46
N GLY B 77 11.02 -25.79 34.61
CA GLY B 77 9.99 -26.76 34.32
C GLY B 77 9.34 -26.64 32.96
N LEU B 78 9.84 -25.78 32.08
CA LEU B 78 9.30 -25.62 30.74
C LEU B 78 9.93 -26.64 29.81
N ASP B 79 9.10 -27.48 29.17
CA ASP B 79 9.56 -28.47 28.21
C ASP B 79 9.85 -27.74 26.89
N VAL B 80 11.00 -27.07 26.84
CA VAL B 80 11.41 -26.30 25.69
C VAL B 80 12.65 -26.96 25.09
N VAL B 81 12.64 -27.12 23.76
CA VAL B 81 13.78 -27.67 23.03
C VAL B 81 14.22 -26.65 22.01
N CYS B 82 15.53 -26.60 21.77
CA CYS B 82 16.14 -25.64 20.85
C CYS B 82 17.23 -26.37 20.07
N PRO B 83 16.86 -27.09 19.01
CA PRO B 83 17.88 -27.82 18.24
C PRO B 83 18.73 -26.86 17.42
N SER B 84 20.05 -27.06 17.47
CA SER B 84 20.96 -26.22 16.71
C SER B 84 20.79 -26.47 15.21
N VAL B 85 21.32 -25.54 14.41
CA VAL B 85 21.21 -25.65 12.96
C VAL B 85 21.90 -26.90 12.44
N ALA B 86 22.88 -27.43 13.18
CA ALA B 86 23.50 -28.69 12.79
C ALA B 86 22.56 -29.87 13.00
N GLU B 87 21.82 -29.86 14.11
CA GLU B 87 20.83 -30.91 14.35
C GLU B 87 19.67 -30.82 13.37
N GLN B 88 19.28 -29.60 12.98
CA GLN B 88 18.20 -29.44 12.02
C GLN B 88 18.62 -29.97 10.65
N GLN B 89 19.82 -29.62 10.20
CA GLN B 89 20.27 -30.03 8.87
C GLN B 89 20.45 -31.55 8.79
N ASP B 90 20.90 -32.18 9.88
CA ASP B 90 21.03 -33.63 9.89
C ASP B 90 19.66 -34.30 9.77
N LEU B 91 18.64 -33.73 10.41
CA LEU B 91 17.29 -34.27 10.28
C LEU B 91 16.76 -34.11 8.87
N LEU B 92 16.95 -32.93 8.28
CA LEU B 92 16.44 -32.68 6.93
C LEU B 92 17.22 -33.48 5.88
N GLU B 93 18.51 -33.73 6.12
CA GLU B 93 19.29 -34.49 5.16
C GLU B 93 18.90 -35.96 5.16
N ARG B 94 18.62 -36.52 6.34
CA ARG B 94 18.19 -37.91 6.43
C ARG B 94 16.83 -38.13 5.77
N LEU B 95 16.02 -37.08 5.61
CA LEU B 95 14.73 -37.18 4.96
C LEU B 95 14.79 -36.76 3.49
N ALA B 96 15.99 -36.69 2.92
CA ALA B 96 16.20 -36.38 1.50
C ALA B 96 15.67 -35.00 1.13
N VAL B 97 15.67 -34.07 2.08
CA VAL B 97 15.25 -32.70 1.81
C VAL B 97 16.25 -31.72 2.41
N PRO B 98 17.51 -31.70 1.96
CA PRO B 98 18.48 -30.77 2.55
C PRO B 98 18.35 -29.35 2.04
N ASP B 99 17.75 -29.13 0.88
CA ASP B 99 17.62 -27.81 0.28
C ASP B 99 16.20 -27.27 0.32
N LEU B 100 15.29 -27.94 1.03
CA LEU B 100 13.90 -27.52 1.05
C LEU B 100 13.72 -26.24 1.88
N ILE B 101 14.34 -26.19 3.04
CA ILE B 101 14.14 -25.10 4.00
C ILE B 101 15.41 -24.24 4.01
N PRO B 102 15.34 -22.98 3.61
CA PRO B 102 16.54 -22.14 3.60
C PRO B 102 16.83 -21.54 4.97
N TYR B 103 18.02 -20.97 5.09
CA TYR B 103 18.46 -20.29 6.30
C TYR B 103 18.26 -18.78 6.16
N HIS B 104 18.49 -18.08 7.27
CA HIS B 104 18.26 -16.63 7.35
C HIS B 104 16.83 -16.29 6.95
N SER B 105 15.87 -17.08 7.42
CA SER B 105 14.48 -16.92 7.03
C SER B 105 13.58 -17.55 8.09
N ASP B 106 12.41 -16.96 8.29
CA ASP B 106 11.42 -17.54 9.18
C ASP B 106 10.77 -18.79 8.61
N ASN B 107 11.18 -19.21 7.41
CA ASN B 107 10.70 -20.47 6.84
C ASN B 107 11.17 -21.67 7.66
N ARG B 108 12.15 -21.48 8.54
CA ARG B 108 12.68 -22.57 9.33
C ARG B 108 11.67 -23.11 10.34
N ARG B 109 10.54 -22.44 10.54
CA ARG B 109 9.51 -22.98 11.41
C ARG B 109 8.94 -24.29 10.90
N ASN B 110 9.13 -24.59 9.60
CA ASN B 110 8.71 -25.88 9.07
C ASN B 110 9.47 -27.03 9.73
N VAL B 111 10.69 -26.78 10.22
CA VAL B 111 11.39 -27.77 11.02
C VAL B 111 10.60 -28.08 12.27
N GLY B 112 10.07 -27.05 12.94
CA GLY B 112 9.26 -27.27 14.11
C GLY B 112 7.95 -27.98 13.78
N TYR B 113 7.34 -27.64 12.65
CA TYR B 113 6.18 -28.39 12.19
C TYR B 113 6.52 -29.86 11.98
N LEU B 114 7.67 -30.12 11.35
CA LEU B 114 8.10 -31.50 11.13
C LEU B 114 8.42 -32.21 12.44
N MET B 115 9.15 -31.54 13.34
CA MET B 115 9.54 -32.17 14.60
C MET B 115 8.32 -32.49 15.46
N ALA B 116 7.40 -31.53 15.58
CA ALA B 116 6.21 -31.76 16.39
C ALA B 116 5.33 -32.86 15.80
N TRP B 117 5.38 -33.02 14.48
CA TRP B 117 4.59 -34.06 13.81
C TRP B 117 5.25 -35.44 13.93
N MET B 118 6.58 -35.48 13.93
CA MET B 118 7.27 -36.77 14.09
C MET B 118 7.09 -37.32 15.50
N GLU B 119 7.08 -36.44 16.50
CA GLU B 119 7.01 -36.84 17.89
C GLU B 119 5.59 -37.22 18.33
N GLY B 120 4.61 -37.08 17.44
CA GLY B 120 3.27 -37.56 17.73
C GLY B 120 2.39 -36.62 18.52
N PHE B 121 2.68 -35.33 18.51
CA PHE B 121 1.83 -34.37 19.21
C PHE B 121 0.50 -34.22 18.49
N ASP B 122 -0.58 -34.17 19.26
CA ASP B 122 -1.91 -34.03 18.67
C ASP B 122 -2.12 -32.63 18.11
N VAL B 123 -1.70 -31.60 18.84
CA VAL B 123 -1.91 -30.22 18.44
C VAL B 123 -0.56 -29.56 18.20
N ILE B 124 -0.44 -28.88 17.07
CA ILE B 124 0.75 -28.11 16.73
C ILE B 124 0.32 -26.64 16.69
N VAL B 125 0.81 -25.86 17.64
CA VAL B 125 0.47 -24.44 17.74
C VAL B 125 1.62 -23.63 17.14
N SER B 126 1.33 -22.89 16.08
CA SER B 126 2.33 -22.05 15.42
C SER B 126 2.22 -20.63 15.97
N MET B 127 3.32 -20.12 16.51
CA MET B 127 3.37 -18.78 17.08
C MET B 127 4.65 -18.08 16.66
N ASP B 128 4.69 -16.78 16.88
CA ASP B 128 5.90 -15.97 16.71
C ASP B 128 6.40 -15.53 18.08
N ASP B 129 7.61 -14.97 18.09
CA ASP B 129 8.26 -14.58 19.33
C ASP B 129 7.73 -13.28 19.91
N ASP B 130 6.66 -12.71 19.35
CA ASP B 130 6.05 -11.50 19.87
C ASP B 130 4.58 -11.68 20.21
N ASN B 131 4.03 -12.87 20.03
CA ASN B 131 2.66 -13.17 20.41
C ASN B 131 2.66 -13.83 21.79
N LEU B 132 2.02 -13.19 22.75
CA LEU B 132 2.06 -13.63 24.14
C LEU B 132 0.65 -13.90 24.64
N PRO B 133 0.38 -15.08 25.21
CA PRO B 133 -0.97 -15.41 25.65
C PRO B 133 -1.43 -14.49 26.78
N THR B 134 -2.75 -14.27 26.83
CA THR B 134 -3.35 -13.40 27.82
C THR B 134 -4.09 -14.13 28.91
N THR B 135 -4.37 -15.43 28.74
CA THR B 135 -5.11 -16.21 29.71
C THR B 135 -4.33 -17.47 30.05
N ASP B 136 -4.71 -18.07 31.18
CA ASP B 136 -4.03 -19.29 31.63
C ASP B 136 -4.42 -20.49 30.80
N ASP B 137 -5.63 -20.51 30.26
CA ASP B 137 -6.11 -21.62 29.43
C ASP B 137 -5.79 -21.42 27.96
N PHE B 138 -4.61 -20.89 27.65
CA PHE B 138 -4.23 -20.68 26.25
C PHE B 138 -4.14 -22.00 25.50
N VAL B 139 -3.43 -22.97 26.07
CA VAL B 139 -3.30 -24.27 25.42
C VAL B 139 -4.63 -25.02 25.43
N GLU B 140 -5.40 -24.85 26.51
CA GLU B 140 -6.68 -25.54 26.62
C GLU B 140 -7.65 -25.08 25.53
N ARG B 141 -7.70 -23.77 25.27
CA ARG B 141 -8.57 -23.26 24.21
C ARG B 141 -8.10 -23.72 22.83
N HIS B 142 -6.79 -23.86 22.64
CA HIS B 142 -6.26 -24.35 21.37
C HIS B 142 -6.52 -25.84 21.16
N GLN B 143 -6.95 -26.56 22.19
CA GLN B 143 -7.25 -27.99 22.06
C GLN B 143 -8.61 -28.24 21.41
N VAL B 144 -9.26 -27.21 20.87
CA VAL B 144 -10.53 -27.39 20.17
C VAL B 144 -10.38 -28.15 18.87
N VAL B 145 -9.14 -28.34 18.39
CA VAL B 145 -8.89 -29.05 17.15
C VAL B 145 -8.80 -30.55 17.40
N CYS B 146 -9.29 -31.00 18.56
CA CYS B 146 -9.26 -32.42 18.91
C CYS B 146 -10.59 -32.89 19.49
N GLN B 147 -11.67 -32.13 19.28
CA GLN B 147 -12.98 -32.53 19.79
C GLN B 147 -13.75 -33.41 18.82
N GLY B 148 -13.30 -33.53 17.57
CA GLY B 148 -13.95 -34.36 16.60
C GLY B 148 -15.17 -33.69 15.99
N PRO B 149 -15.86 -34.41 15.11
CA PRO B 149 -17.05 -33.84 14.47
C PRO B 149 -18.23 -33.79 15.43
N ARG B 150 -19.04 -32.73 15.28
CA ARG B 150 -20.23 -32.55 16.08
C ARG B 150 -21.10 -31.48 15.43
N THR B 151 -22.41 -31.63 15.60
CA THR B 151 -23.34 -30.63 15.09
C THR B 151 -23.18 -29.35 15.90
N GLN B 152 -22.70 -28.29 15.25
CA GLN B 152 -22.39 -27.04 15.91
C GLN B 152 -22.81 -25.88 15.00
N PRO B 153 -23.08 -24.72 15.57
CA PRO B 153 -23.43 -23.55 14.74
C PRO B 153 -22.26 -23.12 13.88
N VAL B 154 -22.47 -23.07 12.57
CA VAL B 154 -21.44 -22.67 11.62
C VAL B 154 -21.84 -21.35 10.99
N THR B 155 -20.84 -20.53 10.69
CA THR B 155 -21.06 -19.19 10.14
C THR B 155 -20.79 -19.22 8.64
N ALA B 156 -21.77 -18.78 7.86
CA ALA B 156 -21.67 -18.73 6.42
C ALA B 156 -21.87 -17.30 5.93
N SER B 157 -21.30 -16.99 4.77
CA SER B 157 -21.40 -15.68 4.17
C SER B 157 -21.85 -15.81 2.73
N SER B 158 -22.61 -14.82 2.25
CA SER B 158 -23.11 -14.87 0.88
C SER B 158 -21.98 -14.74 -0.13
N ASP B 159 -20.99 -13.90 0.16
CA ASP B 159 -19.86 -13.73 -0.76
C ASP B 159 -18.78 -14.79 -0.57
N GLY B 160 -18.92 -15.68 0.41
CA GLY B 160 -17.93 -16.70 0.65
C GLY B 160 -16.70 -16.25 1.41
N TRP B 161 -16.74 -15.07 2.03
CA TRP B 161 -15.62 -14.53 2.78
C TRP B 161 -16.09 -14.10 4.16
N PHE B 162 -15.21 -14.24 5.15
CA PHE B 162 -15.48 -13.83 6.52
C PHE B 162 -14.33 -12.96 7.02
N ASN B 163 -14.66 -11.83 7.63
CA ASN B 163 -13.67 -10.89 8.16
C ASN B 163 -13.50 -11.18 9.65
N ASN B 164 -12.45 -11.91 10.00
CA ASN B 164 -12.23 -12.27 11.40
C ASN B 164 -11.89 -11.05 12.25
N CYS B 165 -11.42 -9.96 11.64
CA CYS B 165 -11.15 -8.74 12.41
C CYS B 165 -12.43 -8.09 12.90
N ALA B 166 -13.59 -8.44 12.33
CA ALA B 166 -14.85 -7.97 12.87
C ALA B 166 -15.14 -8.52 14.26
N LEU B 167 -14.47 -9.61 14.65
CA LEU B 167 -14.59 -10.13 16.01
C LEU B 167 -13.80 -9.31 17.02
N LEU B 168 -13.01 -8.34 16.56
CA LEU B 168 -12.18 -7.51 17.43
C LEU B 168 -12.73 -6.09 17.46
N GLU B 169 -12.26 -5.33 18.46
CA GLU B 169 -12.59 -3.92 18.59
C GLU B 169 -11.37 -3.13 18.11
N VAL B 170 -11.42 -2.67 16.87
CA VAL B 170 -10.27 -2.05 16.21
C VAL B 170 -10.58 -0.57 16.00
N GLU B 171 -9.60 0.28 16.32
CA GLU B 171 -9.65 1.71 16.06
C GLU B 171 -8.53 2.09 15.09
N PRO B 172 -8.68 3.18 14.33
CA PRO B 172 -9.81 4.12 14.32
C PRO B 172 -10.95 3.72 13.39
N THR B 173 -10.77 2.66 12.60
CA THR B 173 -11.78 2.26 11.64
C THR B 173 -11.69 0.76 11.41
N GLU B 174 -12.68 0.22 10.69
CA GLU B 174 -12.72 -1.20 10.42
C GLU B 174 -11.60 -1.59 9.47
N VAL B 175 -10.97 -2.74 9.74
CA VAL B 175 -9.83 -3.21 8.96
C VAL B 175 -10.07 -4.66 8.56
N PHE B 176 -9.34 -5.08 7.54
CA PHE B 176 -9.33 -6.45 7.07
C PHE B 176 -8.02 -7.13 7.43
N PRO B 177 -8.01 -8.45 7.61
CA PRO B 177 -6.78 -9.14 7.98
C PRO B 177 -5.83 -9.26 6.80
N ARG B 178 -4.56 -9.49 7.12
CA ARG B 178 -3.55 -9.73 6.09
C ARG B 178 -3.88 -10.99 5.32
N GLY B 179 -3.92 -10.88 3.99
CA GLY B 179 -4.27 -11.99 3.13
C GLY B 179 -5.71 -11.98 2.64
N PHE B 180 -6.51 -11.03 3.09
CA PHE B 180 -7.89 -10.93 2.61
C PHE B 180 -7.89 -10.37 1.20
N PRO B 181 -8.65 -10.96 0.27
CA PRO B 181 -8.64 -10.45 -1.10
C PRO B 181 -9.21 -9.05 -1.18
N PHE B 182 -8.53 -8.19 -1.94
CA PHE B 182 -8.94 -6.79 -2.03
C PHE B 182 -10.17 -6.61 -2.89
N HIS B 183 -10.36 -7.44 -3.93
CA HIS B 183 -11.52 -7.30 -4.80
C HIS B 183 -12.84 -7.56 -4.07
N ALA B 184 -12.82 -8.30 -2.97
CA ALA B 184 -14.03 -8.64 -2.24
C ALA B 184 -14.28 -7.74 -1.04
N ARG B 185 -13.43 -6.75 -0.80
CA ARG B 185 -13.56 -5.89 0.37
C ARG B 185 -14.69 -4.86 0.23
N PRO B 186 -14.84 -4.18 -0.91
CA PRO B 186 -15.96 -3.22 -1.01
C PRO B 186 -17.32 -3.88 -0.89
N ALA B 187 -17.56 -4.95 -1.64
CA ALA B 187 -18.87 -5.62 -1.63
C ALA B 187 -19.10 -6.46 -0.38
N HIS B 188 -18.12 -6.56 0.52
CA HIS B 188 -18.28 -7.37 1.71
C HIS B 188 -19.25 -6.76 2.72
N ALA B 189 -19.46 -5.44 2.66
CA ALA B 189 -20.37 -4.80 3.60
C ALA B 189 -21.82 -5.18 3.34
N GLN B 190 -22.15 -5.56 2.11
CA GLN B 190 -23.49 -5.98 1.76
C GLN B 190 -23.67 -7.49 1.83
N ALA B 191 -22.68 -8.22 2.34
CA ALA B 191 -22.78 -9.67 2.40
C ALA B 191 -23.72 -10.11 3.52
N ARG B 192 -24.39 -11.23 3.30
CA ARG B 192 -25.33 -11.78 4.27
C ARG B 192 -24.62 -12.81 5.13
N THR B 193 -24.63 -12.60 6.44
CA THR B 193 -24.00 -13.50 7.40
C THR B 193 -25.09 -14.28 8.12
N SER B 194 -25.07 -15.60 7.96
CA SER B 194 -26.06 -16.48 8.57
C SER B 194 -25.36 -17.54 9.41
N VAL B 195 -26.08 -18.08 10.38
CA VAL B 195 -25.59 -19.14 11.25
C VAL B 195 -26.61 -20.28 11.22
N CYS B 196 -26.11 -21.51 11.03
CA CYS B 196 -26.96 -22.68 10.96
C CYS B 196 -26.32 -23.82 11.73
N GLU B 197 -27.16 -24.73 12.23
CA GLU B 197 -26.69 -25.93 12.93
C GLU B 197 -26.35 -26.99 11.89
N ARG B 198 -25.06 -27.15 11.61
CA ARG B 198 -24.59 -28.11 10.62
C ARG B 198 -23.44 -28.92 11.20
N PRO B 199 -23.28 -30.16 10.75
CA PRO B 199 -22.12 -30.95 11.20
C PRO B 199 -20.82 -30.32 10.74
N ALA B 200 -19.86 -30.22 11.66
CA ALA B 200 -18.56 -29.65 11.35
C ALA B 200 -17.50 -30.32 12.21
N ASP B 201 -16.26 -30.30 11.71
CA ASP B 201 -15.12 -30.88 12.41
C ASP B 201 -13.99 -29.86 12.39
N VAL B 202 -13.68 -29.30 13.56
CA VAL B 202 -12.67 -28.25 13.67
C VAL B 202 -11.28 -28.87 13.73
N ARG B 203 -10.42 -28.51 12.78
CA ARG B 203 -9.04 -28.97 12.75
C ARG B 203 -8.02 -27.84 12.76
N ILE B 204 -8.42 -26.61 12.49
CA ILE B 204 -7.55 -25.44 12.56
C ILE B 204 -8.24 -24.39 13.41
N ASN B 205 -7.53 -23.85 14.40
CA ASN B 205 -8.05 -22.81 15.29
C ASN B 205 -7.14 -21.60 15.20
N ALA B 206 -7.58 -20.57 14.49
CA ALA B 206 -6.82 -19.33 14.35
C ALA B 206 -7.20 -18.38 15.47
N GLY B 207 -6.32 -18.23 16.45
CA GLY B 207 -6.59 -17.34 17.56
C GLY B 207 -6.40 -15.88 17.17
N LEU B 208 -7.14 -15.01 17.87
CA LEU B 208 -7.10 -13.59 17.59
C LEU B 208 -5.94 -12.92 18.32
N TRP B 209 -5.75 -11.63 18.05
CA TRP B 209 -4.59 -10.89 18.53
C TRP B 209 -5.02 -9.49 18.93
N LEU B 210 -4.54 -9.05 20.10
CA LEU B 210 -4.77 -7.69 20.57
C LEU B 210 -3.52 -6.84 20.37
N GLY B 211 -3.69 -5.53 20.51
CA GLY B 211 -2.61 -4.60 20.25
C GLY B 211 -2.46 -4.30 18.78
N ASP B 212 -1.45 -4.89 18.15
CA ASP B 212 -1.25 -4.72 16.72
C ASP B 212 -1.90 -5.88 15.99
N PRO B 213 -3.03 -5.67 15.31
CA PRO B 213 -3.69 -6.79 14.62
C PRO B 213 -2.92 -7.21 13.38
N ASP B 214 -3.16 -8.46 12.97
CA ASP B 214 -2.48 -9.02 11.80
C ASP B 214 -3.13 -8.49 10.53
N VAL B 215 -2.68 -7.30 10.12
CA VAL B 215 -3.13 -6.66 8.90
C VAL B 215 -1.94 -6.49 7.97
N ASP B 216 -2.23 -6.27 6.69
CA ASP B 216 -1.18 -6.07 5.71
C ASP B 216 -0.54 -4.70 5.87
N ALA B 217 0.59 -4.50 5.18
CA ALA B 217 1.30 -3.23 5.29
C ALA B 217 0.48 -2.07 4.73
N ILE B 218 -0.37 -2.34 3.74
CA ILE B 218 -1.24 -1.30 3.19
C ILE B 218 -2.15 -0.74 4.27
N THR B 219 -2.75 -1.64 5.06
CA THR B 219 -3.68 -1.20 6.11
C THR B 219 -2.93 -0.53 7.26
N ARG B 220 -1.81 -1.10 7.69
CA ARG B 220 -1.07 -0.53 8.81
C ARG B 220 -0.47 0.82 8.46
N LEU B 221 -0.09 1.03 7.20
CA LEU B 221 0.45 2.32 6.77
C LEU B 221 -0.61 3.40 6.63
N ALA B 222 -1.89 3.03 6.60
CA ALA B 222 -2.96 3.98 6.32
C ALA B 222 -3.74 4.41 7.56
N VAL B 223 -3.94 3.52 8.54
CA VAL B 223 -4.78 3.85 9.68
C VAL B 223 -4.08 3.48 10.99
N ARG B 224 -3.01 2.70 10.90
CA ARG B 224 -2.27 2.23 12.08
C ARG B 224 -3.23 1.58 13.08
N PRO B 225 -3.78 0.41 12.76
CA PRO B 225 -4.85 -0.14 13.60
C PRO B 225 -4.35 -0.56 14.97
N ASN B 226 -5.29 -0.54 15.92
CA ASN B 226 -5.01 -0.93 17.30
C ASN B 226 -6.19 -1.75 17.80
N ALA B 227 -5.97 -3.04 18.02
CA ALA B 227 -7.02 -3.94 18.50
C ALA B 227 -7.18 -3.77 20.01
N LEU B 228 -8.35 -3.27 20.42
CA LEU B 228 -8.58 -2.95 21.83
C LEU B 228 -9.09 -4.13 22.63
N ALA B 229 -10.06 -4.88 22.10
CA ALA B 229 -10.63 -6.00 22.84
C ALA B 229 -11.20 -7.00 21.85
N HIS B 230 -11.54 -8.18 22.38
CA HIS B 230 -12.18 -9.25 21.63
C HIS B 230 -13.67 -9.26 21.99
N SER B 231 -14.51 -8.86 21.04
CA SER B 231 -15.93 -8.71 21.29
C SER B 231 -16.83 -9.64 20.51
N GLY B 232 -16.33 -10.24 19.42
CA GLY B 232 -17.17 -11.04 18.55
C GLY B 232 -17.30 -12.50 18.93
N GLY B 233 -16.55 -12.97 19.92
CA GLY B 233 -16.59 -14.36 20.30
C GLY B 233 -15.83 -15.25 19.32
N SER B 234 -16.34 -16.45 19.09
CA SER B 234 -15.70 -17.41 18.19
C SER B 234 -16.72 -17.94 17.18
N VAL B 235 -16.22 -18.24 15.98
CA VAL B 235 -17.05 -18.76 14.90
C VAL B 235 -16.34 -19.93 14.23
N VAL B 236 -17.11 -20.76 13.55
CA VAL B 236 -16.60 -21.87 12.76
C VAL B 236 -17.18 -21.74 11.36
N LEU B 237 -16.32 -21.42 10.39
CA LEU B 237 -16.79 -21.13 9.03
C LEU B 237 -17.36 -22.39 8.38
N ALA B 238 -18.40 -22.19 7.58
CA ALA B 238 -19.05 -23.29 6.88
C ALA B 238 -18.32 -23.60 5.58
N GLU B 239 -18.82 -24.59 4.85
CA GLU B 239 -18.23 -24.97 3.58
C GLU B 239 -18.50 -23.88 2.54
N GLY B 240 -17.43 -23.29 2.01
CA GLY B 240 -17.54 -22.24 1.02
C GLY B 240 -17.21 -20.85 1.54
N THR B 241 -17.02 -20.69 2.84
CA THR B 241 -16.64 -19.41 3.44
C THR B 241 -15.19 -19.50 3.88
N TRP B 242 -14.36 -18.62 3.33
CA TRP B 242 -12.93 -18.62 3.58
C TRP B 242 -12.51 -17.36 4.33
N CYS B 243 -11.32 -17.42 4.91
CA CYS B 243 -10.69 -16.31 5.64
C CYS B 243 -9.21 -16.64 5.84
N PRO B 244 -8.32 -15.67 5.68
CA PRO B 244 -6.89 -15.94 5.83
C PRO B 244 -6.54 -16.40 7.24
N VAL B 245 -5.58 -17.32 7.34
CA VAL B 245 -5.13 -17.87 8.61
C VAL B 245 -3.62 -17.71 8.68
N ASN B 246 -3.14 -16.98 9.68
CA ASN B 246 -1.71 -16.73 9.82
C ASN B 246 -1.07 -17.84 10.64
N ALA B 247 0.21 -17.68 10.97
CA ALA B 247 0.98 -18.69 11.71
C ALA B 247 1.55 -18.11 13.00
N GLN B 248 0.92 -17.08 13.55
CA GLN B 248 1.40 -16.47 14.77
C GLN B 248 0.57 -16.82 16.00
N ASN B 249 -0.63 -17.35 15.83
CA ASN B 249 -1.46 -17.81 16.94
C ASN B 249 -2.48 -18.81 16.42
N THR B 250 -2.01 -19.91 15.84
CA THR B 250 -2.85 -20.86 15.15
C THR B 250 -2.53 -22.27 15.61
N ALA B 251 -3.55 -23.01 16.03
CA ALA B 251 -3.41 -24.42 16.37
C ALA B 251 -3.90 -25.26 15.21
N VAL B 252 -3.15 -26.33 14.91
CA VAL B 252 -3.45 -27.21 13.79
C VAL B 252 -3.38 -28.65 14.29
N HIS B 253 -4.44 -29.42 14.02
CA HIS B 253 -4.43 -30.83 14.37
C HIS B 253 -3.38 -31.55 13.56
N ARG B 254 -2.81 -32.60 14.15
CA ARG B 254 -1.69 -33.31 13.52
C ARG B 254 -2.07 -33.93 12.20
N ASP B 255 -3.36 -34.15 11.93
CA ASP B 255 -3.78 -34.68 10.64
C ASP B 255 -3.69 -33.62 9.56
N ALA B 256 -4.04 -32.36 9.89
CA ALA B 256 -3.93 -31.26 8.96
C ALA B 256 -2.53 -30.65 8.90
N LEU B 257 -1.59 -31.16 9.70
CA LEU B 257 -0.24 -30.61 9.69
C LEU B 257 0.48 -30.78 8.36
N PRO B 258 0.36 -31.91 7.63
CA PRO B 258 1.03 -31.98 6.31
C PRO B 258 0.58 -30.91 5.34
N ALA B 259 -0.64 -30.40 5.47
CA ALA B 259 -1.13 -29.34 4.59
C ALA B 259 -0.76 -27.94 5.07
N TYR B 260 -0.02 -27.83 6.17
CA TYR B 260 0.32 -26.55 6.77
C TYR B 260 1.78 -26.16 6.48
N TYR B 261 2.31 -26.57 5.33
CA TYR B 261 3.67 -26.21 4.95
C TYR B 261 3.78 -24.71 4.73
N PHE B 262 4.68 -24.07 5.49
CA PHE B 262 4.95 -22.64 5.35
C PHE B 262 5.67 -22.39 4.03
N LEU B 263 5.00 -21.74 3.09
CA LEU B 263 5.54 -21.58 1.74
C LEU B 263 6.83 -20.77 1.77
N ARG B 264 7.73 -21.15 0.87
CA ARG B 264 9.02 -20.48 0.76
C ARG B 264 8.88 -19.19 -0.06
N MET B 265 9.37 -18.09 0.51
CA MET B 265 9.30 -16.79 -0.14
C MET B 265 10.62 -16.51 -0.87
N GLY B 266 10.67 -15.34 -1.51
CA GLY B 266 11.84 -14.94 -2.27
C GLY B 266 11.67 -15.01 -3.78
N GLN B 267 10.54 -15.49 -4.27
CA GLN B 267 10.32 -15.56 -5.72
C GLN B 267 10.03 -14.16 -6.26
N PRO B 268 10.66 -13.77 -7.36
CA PRO B 268 10.41 -12.43 -7.90
C PRO B 268 9.18 -12.38 -8.79
N VAL B 269 8.38 -11.34 -8.60
CA VAL B 269 7.25 -11.04 -9.47
C VAL B 269 7.54 -9.69 -10.10
N ASP B 270 7.74 -9.68 -11.42
CA ASP B 270 8.18 -8.50 -12.15
C ASP B 270 9.50 -7.97 -11.58
N GLY B 271 10.40 -8.88 -11.25
CA GLY B 271 11.69 -8.53 -10.71
C GLY B 271 11.69 -8.11 -9.25
N VAL B 272 10.58 -8.29 -8.53
CA VAL B 272 10.49 -7.91 -7.13
C VAL B 272 10.23 -9.18 -6.30
N PRO B 273 11.18 -9.58 -5.45
CA PRO B 273 10.97 -10.80 -4.66
C PRO B 273 9.86 -10.61 -3.62
N MET B 274 8.97 -11.60 -3.54
CA MET B 274 7.87 -11.55 -2.58
C MET B 274 8.32 -12.06 -1.22
N GLU B 275 7.66 -11.57 -0.18
CA GLU B 275 7.96 -11.96 1.19
C GLU B 275 6.72 -11.70 2.04
N ARG B 276 6.78 -12.15 3.30
CA ARG B 276 5.77 -11.89 4.33
C ARG B 276 4.45 -12.62 4.07
N PHE B 277 4.34 -13.41 3.01
CA PHE B 277 3.12 -14.14 2.69
C PHE B 277 3.31 -15.66 2.72
N GLY B 278 4.34 -16.14 3.42
CA GLY B 278 4.53 -17.58 3.52
C GLY B 278 3.39 -18.27 4.24
N ASP B 279 2.88 -17.64 5.30
CA ASP B 279 1.76 -18.20 6.05
C ASP B 279 0.40 -17.85 5.45
N ILE B 280 0.35 -16.87 4.55
CA ILE B 280 -0.91 -16.56 3.88
C ILE B 280 -1.32 -17.71 2.97
N PHE B 281 -0.37 -18.21 2.18
CA PHE B 281 -0.66 -19.37 1.34
C PHE B 281 -0.92 -20.62 2.17
N SER B 282 -0.10 -20.86 3.20
CA SER B 282 -0.30 -22.04 4.03
C SER B 282 -1.64 -21.98 4.75
N GLY B 283 -2.05 -20.78 5.18
CA GLY B 283 -3.36 -20.65 5.81
C GLY B 283 -4.50 -20.97 4.88
N TYR B 284 -4.39 -20.55 3.61
CA TYR B 284 -5.41 -20.86 2.63
C TYR B 284 -5.31 -22.31 2.16
N PHE B 285 -4.08 -22.83 2.01
CA PHE B 285 -3.92 -24.18 1.50
C PHE B 285 -4.47 -25.22 2.48
N VAL B 286 -4.13 -25.08 3.76
CA VAL B 286 -4.67 -26.00 4.76
C VAL B 286 -6.17 -25.81 4.93
N GLN B 287 -6.68 -24.62 4.59
CA GLN B 287 -8.12 -24.37 4.68
C GLN B 287 -8.88 -24.96 3.50
N VAL B 288 -8.29 -24.91 2.31
CA VAL B 288 -8.91 -25.54 1.15
C VAL B 288 -8.85 -27.05 1.27
N CYS B 289 -7.74 -27.58 1.81
CA CYS B 289 -7.63 -29.03 1.98
C CYS B 289 -8.56 -29.54 3.06
N ALA B 290 -8.74 -28.76 4.13
CA ALA B 290 -9.60 -29.19 5.23
C ALA B 290 -11.06 -29.28 4.78
N GLN B 291 -11.54 -28.31 4.01
CA GLN B 291 -12.93 -28.33 3.58
C GLN B 291 -13.20 -29.46 2.60
N HIS B 292 -12.20 -29.84 1.80
CA HIS B 292 -12.38 -30.98 0.90
C HIS B 292 -12.54 -32.28 1.66
N LEU B 293 -11.91 -32.39 2.83
CA LEU B 293 -11.96 -33.60 3.64
C LEU B 293 -13.06 -33.56 4.70
N GLY B 294 -13.95 -32.58 4.64
CA GLY B 294 -15.02 -32.48 5.62
C GLY B 294 -14.65 -31.79 6.91
N HIS B 295 -13.59 -31.00 6.92
CA HIS B 295 -13.14 -30.28 8.11
C HIS B 295 -13.35 -28.78 7.94
N ALA B 296 -13.25 -28.06 9.06
CA ALA B 296 -13.56 -26.64 9.10
C ALA B 296 -12.48 -25.89 9.86
N VAL B 297 -12.53 -24.56 9.78
CA VAL B 297 -11.57 -23.68 10.43
C VAL B 297 -12.33 -22.83 11.45
N ARG B 298 -11.71 -22.62 12.60
CA ARG B 298 -12.30 -21.86 13.69
C ARG B 298 -11.48 -20.59 13.94
N PHE B 299 -12.17 -19.49 14.25
CA PHE B 299 -11.54 -18.22 14.56
C PHE B 299 -12.05 -17.71 15.89
N GLY B 300 -11.17 -17.07 16.67
CA GLY B 300 -11.56 -16.52 17.95
C GLY B 300 -10.53 -16.75 19.05
N ASP B 301 -10.97 -17.36 20.15
CA ASP B 301 -10.07 -17.63 21.27
C ASP B 301 -9.17 -18.81 20.94
N PRO B 302 -7.98 -18.89 21.57
CA PRO B 302 -7.43 -17.97 22.58
C PRO B 302 -6.87 -16.68 21.98
N VAL B 303 -6.96 -15.60 22.74
CA VAL B 303 -6.51 -14.29 22.29
C VAL B 303 -5.14 -14.00 22.91
N VAL B 304 -4.24 -13.43 22.11
CA VAL B 304 -2.88 -13.14 22.56
C VAL B 304 -2.62 -11.64 22.39
N GLU B 305 -1.64 -11.16 23.16
CA GLU B 305 -1.13 -9.81 22.99
C GLU B 305 -0.04 -9.82 21.93
N HIS B 306 -0.09 -8.86 21.02
CA HIS B 306 0.85 -8.77 19.90
C HIS B 306 1.55 -7.41 19.92
N PRO B 307 2.55 -7.24 20.79
CA PRO B 307 3.43 -6.08 20.65
C PRO B 307 4.43 -6.31 19.54
N ARG B 308 4.03 -6.00 18.31
CA ARG B 308 4.80 -6.41 17.13
C ARG B 308 6.19 -5.80 17.15
N ASN B 309 7.17 -6.57 16.67
CA ASN B 309 8.54 -6.11 16.59
C ASN B 309 8.63 -4.90 15.64
N GLU B 310 9.69 -4.13 15.81
CA GLU B 310 9.89 -2.94 15.00
C GLU B 310 10.13 -3.33 13.54
N HIS B 311 9.34 -2.75 12.64
CA HIS B 311 9.46 -3.01 11.22
C HIS B 311 9.48 -1.70 10.45
N ASP B 312 10.17 -1.72 9.31
CA ASP B 312 10.09 -0.63 8.35
C ASP B 312 8.85 -0.89 7.50
N LEU B 313 7.79 -0.11 7.74
CA LEU B 313 6.51 -0.38 7.09
C LEU B 313 6.61 -0.21 5.58
N LEU B 314 7.40 0.77 5.12
CA LEU B 314 7.61 0.91 3.68
C LEU B 314 8.36 -0.28 3.12
N ASP B 315 9.21 -0.92 3.92
CA ASP B 315 9.86 -2.15 3.48
C ASP B 315 8.91 -3.35 3.54
N ASP B 316 8.00 -3.37 4.53
CA ASP B 316 6.96 -4.38 4.53
C ASP B 316 6.08 -4.26 3.30
N LEU B 317 5.77 -3.02 2.90
CA LEU B 317 4.96 -2.80 1.69
C LEU B 317 5.71 -3.29 0.45
N HIS B 318 6.98 -2.93 0.33
CA HIS B 318 7.78 -3.37 -0.81
C HIS B 318 7.85 -4.89 -0.88
N LYS B 319 7.77 -5.57 0.26
CA LYS B 319 7.85 -7.03 0.29
C LYS B 319 6.51 -7.68 -0.02
N GLU B 320 5.40 -7.02 0.34
CA GLU B 320 4.09 -7.65 0.21
C GLU B 320 3.41 -7.37 -1.12
N VAL B 321 3.73 -6.25 -1.77
CA VAL B 321 3.07 -5.89 -3.02
C VAL B 321 3.17 -7.00 -4.07
N PRO B 322 4.33 -7.62 -4.32
CA PRO B 322 4.37 -8.68 -5.34
C PRO B 322 3.38 -9.82 -5.08
N ALA B 323 3.19 -10.21 -3.82
CA ALA B 323 2.26 -11.27 -3.51
C ALA B 323 0.81 -10.80 -3.56
N VAL B 324 0.57 -9.53 -3.24
CA VAL B 324 -0.80 -9.01 -3.27
C VAL B 324 -1.33 -8.93 -4.69
N ARG B 325 -0.45 -8.65 -5.67
CA ARG B 325 -0.89 -8.53 -7.05
C ARG B 325 -1.43 -9.83 -7.61
N LEU B 326 -1.08 -10.97 -7.00
CA LEU B 326 -1.46 -12.27 -7.53
C LEU B 326 -2.47 -13.00 -6.66
N LEU B 327 -2.69 -12.55 -5.42
CA LEU B 327 -3.47 -13.35 -4.47
C LEU B 327 -4.94 -13.45 -4.88
N ASP B 328 -5.52 -12.34 -5.36
CA ASP B 328 -6.94 -12.36 -5.72
C ASP B 328 -7.21 -13.37 -6.84
N ASP B 329 -6.33 -13.44 -7.84
CA ASP B 329 -6.54 -14.38 -8.94
C ASP B 329 -6.33 -15.82 -8.51
N ILE B 330 -5.39 -16.06 -7.57
CA ILE B 330 -5.16 -17.42 -7.11
C ILE B 330 -6.37 -17.92 -6.32
N LEU B 331 -6.93 -17.07 -5.44
CA LEU B 331 -8.07 -17.48 -4.65
C LEU B 331 -9.30 -17.72 -5.50
N ASP B 332 -9.47 -16.96 -6.58
CA ASP B 332 -10.63 -17.13 -7.44
C ASP B 332 -10.56 -18.46 -8.19
N HIS B 333 -9.39 -18.81 -8.73
CA HIS B 333 -9.27 -20.05 -9.49
C HIS B 333 -9.27 -21.28 -8.60
N LEU B 334 -8.96 -21.13 -7.30
CA LEU B 334 -9.02 -22.26 -6.38
C LEU B 334 -10.45 -22.72 -6.13
N ARG B 335 -11.43 -21.83 -6.31
CA ARG B 335 -12.83 -22.22 -6.24
C ARG B 335 -13.29 -22.95 -7.50
N ASP B 336 -12.52 -22.90 -8.58
CA ASP B 336 -12.87 -23.61 -9.81
C ASP B 336 -12.28 -25.01 -9.86
N HIS B 337 -11.31 -25.31 -9.00
CA HIS B 337 -10.62 -26.61 -9.00
C HIS B 337 -11.05 -27.44 -7.81
N PRO B 338 -11.96 -28.40 -7.98
CA PRO B 338 -12.22 -29.35 -6.90
C PRO B 338 -11.04 -30.30 -6.73
N LEU B 339 -10.67 -30.55 -5.47
CA LEU B 339 -9.50 -31.34 -5.19
C LEU B 339 -9.84 -32.82 -5.06
N GLU B 340 -8.79 -33.65 -5.04
CA GLU B 340 -8.91 -35.09 -4.85
C GLU B 340 -8.03 -35.52 -3.70
N GLY B 341 -8.30 -36.71 -3.17
CA GLY B 341 -7.52 -37.26 -2.08
C GLY B 341 -8.36 -37.67 -0.90
N GLY B 342 -7.87 -38.64 -0.14
CA GLY B 342 -8.57 -39.14 1.03
C GLY B 342 -8.13 -38.49 2.33
N ASP B 343 -6.83 -38.23 2.46
CA ASP B 343 -6.27 -37.56 3.62
C ASP B 343 -5.58 -36.27 3.19
N TYR B 344 -4.91 -35.62 4.13
CA TYR B 344 -4.28 -34.33 3.85
C TYR B 344 -3.06 -34.48 2.96
N LEU B 345 -2.32 -35.58 3.08
CA LEU B 345 -1.16 -35.80 2.22
C LEU B 345 -1.56 -35.89 0.76
N GLU B 346 -2.60 -36.65 0.45
CA GLU B 346 -3.04 -36.78 -0.94
C GLU B 346 -3.73 -35.51 -1.42
N THR B 347 -4.47 -34.83 -0.53
CA THR B 347 -5.17 -33.61 -0.92
C THR B 347 -4.19 -32.48 -1.17
N TYR B 348 -3.17 -32.34 -0.33
CA TYR B 348 -2.18 -31.29 -0.51
C TYR B 348 -1.38 -31.50 -1.80
N GLU B 349 -1.03 -32.75 -2.11
CA GLU B 349 -0.34 -33.04 -3.37
C GLU B 349 -1.26 -32.76 -4.56
N SER B 350 -2.53 -33.13 -4.45
CA SER B 350 -3.48 -32.77 -5.50
C SER B 350 -3.65 -31.27 -5.63
N LEU B 351 -3.47 -30.54 -4.52
CA LEU B 351 -3.52 -29.08 -4.56
C LEU B 351 -2.32 -28.50 -5.30
N SER B 352 -1.16 -29.12 -5.17
CA SER B 352 0.03 -28.62 -5.86
C SER B 352 -0.13 -28.73 -7.37
N TYR B 353 -0.70 -29.85 -7.85
CA TYR B 353 -0.93 -29.99 -9.29
C TYR B 353 -1.99 -29.01 -9.79
N ALA B 354 -2.98 -28.70 -8.96
CA ALA B 354 -3.99 -27.72 -9.36
C ALA B 354 -3.40 -26.32 -9.47
N LEU B 355 -2.43 -25.98 -8.62
CA LEU B 355 -1.78 -24.67 -8.71
C LEU B 355 -1.03 -24.53 -10.03
N GLN B 356 -0.43 -25.62 -10.52
CA GLN B 356 0.29 -25.57 -11.77
C GLN B 356 -0.65 -25.40 -12.96
N GLU B 357 -1.88 -25.92 -12.86
CA GLU B 357 -2.86 -25.67 -13.90
C GLU B 357 -3.38 -24.24 -13.84
N ILE B 358 -3.47 -23.68 -12.63
CA ILE B 358 -3.90 -22.29 -12.49
C ILE B 358 -2.83 -21.34 -13.04
N ALA B 359 -1.56 -21.66 -12.81
CA ALA B 359 -0.45 -20.82 -13.27
C ALA B 359 -0.48 -20.58 -14.77
N GLU B 360 -1.08 -21.48 -15.55
CA GLU B 360 -1.15 -21.30 -17.00
C GLU B 360 -2.52 -20.84 -17.47
N ARG B 361 -3.57 -21.05 -16.68
CA ARG B 361 -4.91 -20.59 -17.05
C ARG B 361 -5.13 -19.13 -16.68
N VAL B 362 -4.50 -18.64 -15.61
CA VAL B 362 -4.77 -17.30 -15.12
C VAL B 362 -4.27 -16.26 -16.11
N ASN B 363 -5.00 -15.16 -16.21
CA ASN B 363 -4.62 -14.04 -17.05
C ASN B 363 -4.60 -12.76 -16.22
N GLY B 364 -3.81 -11.80 -16.65
CA GLY B 364 -3.70 -10.54 -15.95
C GLY B 364 -2.38 -9.86 -16.26
N ARG B 365 -2.33 -8.58 -15.92
CA ARG B 365 -1.13 -7.78 -16.16
C ARG B 365 0.02 -8.24 -15.28
N ALA B 366 -0.27 -8.65 -14.04
CA ALA B 366 0.78 -9.02 -13.09
C ALA B 366 1.33 -10.42 -13.32
N TRP B 367 0.76 -11.18 -14.26
CA TRP B 367 1.16 -12.58 -14.46
C TRP B 367 2.24 -12.66 -15.55
N SER B 368 3.42 -12.17 -15.19
CA SER B 368 4.60 -12.29 -16.03
C SER B 368 5.11 -13.74 -15.99
N PRO B 369 6.05 -14.10 -16.88
CA PRO B 369 6.58 -15.48 -16.83
C PRO B 369 7.17 -15.87 -15.49
N ASP B 370 7.79 -14.94 -14.75
CA ASP B 370 8.32 -15.27 -13.44
C ASP B 370 7.23 -15.41 -12.39
N ALA B 371 6.09 -14.73 -12.59
CA ALA B 371 4.99 -14.86 -11.65
C ALA B 371 4.32 -16.22 -11.77
N ARG B 372 4.15 -16.71 -13.01
CA ARG B 372 3.61 -18.05 -13.19
C ARG B 372 4.58 -19.11 -12.70
N ALA B 373 5.88 -18.92 -12.93
CA ALA B 373 6.88 -19.87 -12.47
C ALA B 373 6.94 -19.95 -10.95
N PHE B 374 6.47 -18.91 -10.24
CA PHE B 374 6.42 -18.98 -8.78
C PHE B 374 5.50 -20.09 -8.31
N LEU B 375 4.36 -20.29 -9.00
CA LEU B 375 3.44 -21.34 -8.61
C LEU B 375 3.99 -22.72 -8.94
N HIS B 376 4.74 -22.85 -10.03
CA HIS B 376 5.31 -24.15 -10.39
C HIS B 376 6.39 -24.58 -9.40
N ARG B 377 7.28 -23.66 -9.01
CA ARG B 377 8.33 -24.02 -8.06
C ARG B 377 7.75 -24.25 -6.67
N SER B 378 6.76 -23.44 -6.27
CA SER B 378 6.11 -23.64 -4.99
C SER B 378 5.42 -25.01 -4.94
N ALA B 379 4.83 -25.44 -6.06
CA ALA B 379 4.17 -26.74 -6.10
C ALA B 379 5.18 -27.87 -5.94
N HIS B 380 6.37 -27.73 -6.53
CA HIS B 380 7.41 -28.73 -6.36
C HIS B 380 7.89 -28.77 -4.90
N LEU B 381 7.98 -27.60 -4.26
CA LEU B 381 8.39 -27.57 -2.86
C LEU B 381 7.30 -28.13 -1.95
N MET B 382 6.04 -28.08 -2.39
CA MET B 382 4.96 -28.68 -1.61
C MET B 382 5.02 -30.20 -1.66
N ARG B 383 5.39 -30.76 -2.81
CA ARG B 383 5.54 -32.21 -2.90
C ARG B 383 6.84 -32.68 -2.25
N SER B 384 7.90 -31.87 -2.36
CA SER B 384 9.12 -32.17 -1.62
C SER B 384 8.86 -32.16 -0.12
N TRP B 385 7.96 -31.30 0.34
CA TRP B 385 7.56 -31.30 1.74
C TRP B 385 6.83 -32.59 2.10
N THR B 386 5.75 -32.91 1.37
CA THR B 386 4.97 -34.09 1.71
C THR B 386 5.78 -35.38 1.49
N GLY B 387 6.74 -35.36 0.56
CA GLY B 387 7.63 -36.49 0.42
C GLY B 387 8.48 -36.73 1.65
N ALA B 388 8.81 -35.66 2.37
CA ALA B 388 9.56 -35.82 3.62
C ALA B 388 8.69 -36.44 4.71
N LEU B 389 7.42 -36.01 4.80
CA LEU B 389 6.52 -36.61 5.78
C LEU B 389 6.28 -38.08 5.48
N ARG B 390 6.11 -38.43 4.20
CA ARG B 390 5.92 -39.83 3.84
C ARG B 390 7.16 -40.66 4.14
N THR B 391 8.35 -40.06 4.03
CA THR B 391 9.57 -40.77 4.39
C THR B 391 9.62 -41.07 5.88
N VAL B 392 9.09 -40.17 6.71
CA VAL B 392 9.05 -40.39 8.15
C VAL B 392 8.08 -41.53 8.47
N ALA B 393 6.83 -41.38 8.05
CA ALA B 393 5.81 -42.39 8.31
C ALA B 393 6.01 -43.61 7.44
#